data_8TXA
#
_entry.id   8TXA
#
_cell.length_a   56.94
_cell.length_b   60.797
_cell.length_c   68.072
_cell.angle_alpha   97.05
_cell.angle_beta   111.99
_cell.angle_gamma   100.69
#
_symmetry.space_group_name_H-M   'P 1'
#
loop_
_entity.id
_entity.type
_entity.pdbx_description
1 polymer 'tRNA (guanine-N(1)-)-methyltransferase'
2 water water
#
_entity_poly.entity_id   1
_entity_poly.type   'polypeptide(L)'
_entity_poly.pdbx_seq_one_letter_code
;MAHHHHHHMGTLEAQTQGPGSMKIDVVTIFPAYLDPLRQSLPGRAIASGLVDLQVHDLRRWTYDVHHSVDDSPYGGGPGM
VMKAPVWGEALDEICSAETLLVVPTPAGSLFDQATARRWSAEQHLVFACGRYEGIDQRVAEDSARRMRVEEVSIGDYVLP
GGESAAVVMIEAVLRLLTGVLGNPASHQEDSFSPELDRLLEGPSYTRPPSWRGLDVPEILLSGDHARIATWRREVSLRRT
RERRPDLAPP
;
_entity_poly.pdbx_strand_id   A,B,C,D
#
# COMPACT_ATOMS: atom_id res chain seq x y z
N SER A 21 -4.95 -14.75 -9.94
CA SER A 21 -4.70 -13.91 -8.76
C SER A 21 -5.83 -14.10 -7.76
N MET A 22 -5.51 -14.19 -6.46
CA MET A 22 -6.52 -14.37 -5.42
C MET A 22 -7.46 -13.17 -5.26
N LYS A 23 -8.76 -13.43 -5.07
CA LYS A 23 -9.71 -12.37 -4.80
C LYS A 23 -10.14 -12.49 -3.31
N ILE A 24 -10.15 -11.37 -2.60
CA ILE A 24 -10.61 -11.34 -1.21
C ILE A 24 -11.67 -10.29 -1.10
N ASP A 25 -12.83 -10.67 -0.57
CA ASP A 25 -13.89 -9.70 -0.36
C ASP A 25 -14.17 -9.67 1.13
N VAL A 26 -14.27 -8.47 1.70
CA VAL A 26 -14.63 -8.35 3.12
C VAL A 26 -15.93 -7.60 3.18
N VAL A 27 -16.93 -8.14 3.92
CA VAL A 27 -18.25 -7.49 4.03
C VAL A 27 -18.47 -7.05 5.48
N THR A 28 -18.78 -5.76 5.66
CA THR A 28 -18.86 -5.20 7.02
C THR A 28 -19.71 -3.93 7.09
N ILE A 29 -20.25 -3.60 8.27
CA ILE A 29 -20.91 -2.31 8.45
C ILE A 29 -19.86 -1.21 8.81
N PHE A 30 -18.58 -1.59 8.98
CA PHE A 30 -17.47 -0.66 9.28
C PHE A 30 -16.32 -0.85 8.28
N PRO A 31 -16.51 -0.44 7.01
CA PRO A 31 -15.42 -0.61 6.02
C PRO A 31 -14.08 0.04 6.38
N ALA A 32 -14.10 1.16 7.10
CA ALA A 32 -12.86 1.84 7.56
C ALA A 32 -11.97 0.96 8.42
N TYR A 33 -12.53 0.03 9.22
CA TYR A 33 -11.70 -0.87 10.04
C TYR A 33 -10.82 -1.80 9.20
N LEU A 34 -11.07 -1.89 7.88
CA LEU A 34 -10.26 -2.74 7.00
C LEU A 34 -9.12 -1.96 6.31
N ASP A 35 -9.11 -0.61 6.46
CA ASP A 35 -8.10 0.29 5.92
C ASP A 35 -6.65 -0.14 6.23
N PRO A 36 -6.32 -0.73 7.42
CA PRO A 36 -4.92 -1.14 7.64
C PRO A 36 -4.40 -2.18 6.64
N LEU A 37 -5.31 -2.93 5.99
CA LEU A 37 -4.93 -3.93 4.99
C LEU A 37 -4.36 -3.32 3.70
N VAL A 51 -3.17 -10.12 -5.88
CA VAL A 51 -4.25 -10.14 -4.89
C VAL A 51 -5.16 -8.95 -5.10
N ASP A 52 -6.46 -9.22 -5.26
CA ASP A 52 -7.49 -8.23 -5.47
C ASP A 52 -8.35 -8.16 -4.19
N LEU A 53 -8.15 -7.15 -3.35
CA LEU A 53 -8.91 -7.00 -2.11
C LEU A 53 -9.99 -5.93 -2.22
N GLN A 54 -11.25 -6.29 -1.89
CA GLN A 54 -12.32 -5.31 -1.94
C GLN A 54 -13.10 -5.34 -0.62
N VAL A 55 -13.41 -4.18 -0.10
CA VAL A 55 -14.16 -4.05 1.15
C VAL A 55 -15.50 -3.47 0.81
N HIS A 56 -16.58 -4.14 1.27
CA HIS A 56 -17.96 -3.79 0.97
C HIS A 56 -18.72 -3.37 2.20
N ASP A 57 -19.46 -2.28 2.09
CA ASP A 57 -20.33 -1.81 3.16
C ASP A 57 -21.63 -2.64 3.06
N LEU A 58 -21.93 -3.44 4.07
CA LEU A 58 -23.13 -4.26 4.16
C LEU A 58 -24.43 -3.43 3.99
N ARG A 59 -24.41 -2.16 4.43
CA ARG A 59 -25.59 -1.29 4.30
C ARG A 59 -26.03 -1.05 2.84
N ARG A 60 -25.14 -1.28 1.86
CA ARG A 60 -25.48 -1.15 0.43
C ARG A 60 -26.61 -2.14 0.03
N TRP A 61 -26.76 -3.25 0.78
CA TRP A 61 -27.79 -4.22 0.49
C TRP A 61 -29.06 -4.04 1.35
N THR A 62 -29.26 -2.83 1.89
CA THR A 62 -30.46 -2.46 2.61
C THR A 62 -31.30 -1.54 1.73
N TYR A 63 -32.63 -1.62 1.84
CA TYR A 63 -33.55 -0.83 1.01
C TYR A 63 -34.48 0.07 1.84
N ASP A 64 -34.43 0.00 3.19
CA ASP A 64 -35.26 0.83 4.05
C ASP A 64 -34.59 2.17 4.28
N VAL A 65 -35.34 3.19 4.72
CA VAL A 65 -34.74 4.52 4.92
C VAL A 65 -33.67 4.48 6.01
N HIS A 66 -33.83 3.68 7.08
CA HIS A 66 -32.82 3.62 8.14
C HIS A 66 -31.63 2.71 7.84
N HIS A 67 -31.60 2.06 6.66
CA HIS A 67 -30.51 1.16 6.26
C HIS A 67 -30.19 0.11 7.37
N SER A 68 -31.25 -0.58 7.83
CA SER A 68 -31.19 -1.54 8.93
C SER A 68 -30.58 -2.88 8.59
N VAL A 69 -29.58 -3.29 9.36
CA VAL A 69 -28.99 -4.60 9.16
C VAL A 69 -29.32 -5.58 10.28
N ASP A 70 -29.92 -5.09 11.38
CA ASP A 70 -30.12 -5.88 12.58
C ASP A 70 -31.56 -5.93 13.00
N ASP A 71 -31.90 -6.90 13.84
CA ASP A 71 -33.28 -7.00 14.35
C ASP A 71 -33.22 -7.83 15.66
N SER A 72 -34.30 -7.79 16.48
CA SER A 72 -34.39 -8.46 17.77
C SER A 72 -34.17 -9.96 17.71
N PRO A 73 -33.41 -10.50 18.67
CA PRO A 73 -33.14 -11.94 18.66
C PRO A 73 -34.38 -12.73 19.07
N TYR A 74 -34.71 -13.80 18.34
CA TYR A 74 -35.78 -14.69 18.75
C TYR A 74 -35.31 -15.39 20.04
N GLY A 75 -36.21 -15.44 21.01
CA GLY A 75 -35.96 -16.02 22.32
C GLY A 75 -35.32 -15.04 23.30
N GLY A 76 -35.21 -13.77 22.91
CA GLY A 76 -34.60 -12.74 23.75
C GLY A 76 -33.09 -12.84 23.79
N GLY A 77 -32.49 -11.97 24.58
CA GLY A 77 -31.04 -11.93 24.67
C GLY A 77 -30.51 -10.52 24.79
N PRO A 78 -29.22 -10.40 25.06
CA PRO A 78 -28.62 -9.07 25.27
C PRO A 78 -28.40 -8.17 24.04
N GLY A 79 -28.33 -8.75 22.84
CA GLY A 79 -28.00 -7.96 21.66
C GLY A 79 -28.81 -8.25 20.41
N MET A 80 -28.71 -7.37 19.42
CA MET A 80 -29.45 -7.57 18.16
C MET A 80 -28.74 -8.61 17.30
N VAL A 81 -29.42 -9.13 16.28
CA VAL A 81 -28.82 -10.12 15.42
C VAL A 81 -28.84 -9.54 14.03
N MET A 82 -27.79 -9.80 13.24
CA MET A 82 -27.78 -9.32 11.87
C MET A 82 -28.73 -10.22 11.01
N LYS A 83 -29.56 -9.57 10.23
CA LYS A 83 -30.62 -10.15 9.39
C LYS A 83 -30.12 -11.01 8.24
N ALA A 84 -30.70 -12.20 8.07
CA ALA A 84 -30.41 -13.08 6.93
C ALA A 84 -30.86 -12.42 5.61
N PRO A 85 -32.04 -11.73 5.51
CA PRO A 85 -32.38 -11.04 4.27
C PRO A 85 -31.30 -10.09 3.75
N VAL A 86 -30.61 -9.34 4.65
CA VAL A 86 -29.59 -8.41 4.20
C VAL A 86 -28.32 -9.20 3.78
N TRP A 87 -27.87 -10.11 4.64
CA TRP A 87 -26.69 -10.93 4.32
C TRP A 87 -26.88 -11.81 3.06
N GLY A 88 -28.08 -12.38 2.87
CA GLY A 88 -28.36 -13.20 1.70
C GLY A 88 -28.19 -12.39 0.41
N GLU A 89 -28.71 -11.17 0.36
CA GLU A 89 -28.54 -10.29 -0.82
C GLU A 89 -27.04 -10.02 -1.09
N ALA A 90 -26.29 -9.72 -0.01
CA ALA A 90 -24.86 -9.44 -0.18
C ALA A 90 -24.13 -10.67 -0.72
N LEU A 91 -24.37 -11.87 -0.11
CA LEU A 91 -23.66 -13.07 -0.52
C LEU A 91 -24.09 -13.60 -1.86
N ASP A 92 -25.36 -13.33 -2.26
CA ASP A 92 -25.81 -13.65 -3.63
C ASP A 92 -25.00 -12.80 -4.63
N GLU A 93 -24.73 -11.52 -4.31
CA GLU A 93 -23.93 -10.62 -5.18
C GLU A 93 -22.42 -10.99 -5.25
N ILE A 94 -21.80 -11.23 -4.10
CA ILE A 94 -20.36 -11.45 -4.04
C ILE A 94 -19.89 -12.89 -4.29
N CYS A 95 -20.55 -13.88 -3.72
CA CYS A 95 -20.12 -15.26 -3.80
C CYS A 95 -20.51 -16.02 -5.09
N SER A 96 -19.72 -17.03 -5.41
CA SER A 96 -19.96 -17.97 -6.49
C SER A 96 -19.69 -19.39 -5.92
N ALA A 97 -19.84 -20.44 -6.74
CA ALA A 97 -19.60 -21.80 -6.27
C ALA A 97 -18.13 -22.10 -5.89
N GLU A 98 -17.16 -21.25 -6.30
CA GLU A 98 -15.73 -21.46 -5.96
C GLU A 98 -15.27 -20.66 -4.70
N THR A 99 -16.17 -19.87 -4.10
CA THR A 99 -15.84 -19.04 -2.94
C THR A 99 -15.71 -19.87 -1.68
N LEU A 100 -14.77 -19.49 -0.80
CA LEU A 100 -14.68 -20.08 0.51
C LEU A 100 -15.12 -18.91 1.39
N LEU A 101 -16.27 -19.07 2.04
CA LEU A 101 -16.88 -18.04 2.89
C LEU A 101 -16.39 -18.27 4.31
N VAL A 102 -15.72 -17.26 4.89
CA VAL A 102 -15.22 -17.30 6.24
C VAL A 102 -16.07 -16.42 7.11
N VAL A 103 -16.60 -16.98 8.19
CA VAL A 103 -17.38 -16.21 9.13
C VAL A 103 -16.61 -16.13 10.44
N PRO A 104 -15.95 -14.99 10.74
CA PRO A 104 -15.23 -14.88 12.04
C PRO A 104 -16.20 -14.83 13.22
N THR A 105 -16.05 -15.76 14.14
CA THR A 105 -16.93 -15.84 15.30
C THR A 105 -16.21 -16.58 16.42
N PRO A 106 -16.46 -16.15 17.67
CA PRO A 106 -15.89 -16.88 18.83
C PRO A 106 -16.44 -18.30 18.97
N ALA A 107 -17.54 -18.63 18.27
CA ALA A 107 -18.06 -19.98 18.26
C ALA A 107 -17.45 -20.86 17.17
N GLY A 108 -16.48 -20.36 16.40
CA GLY A 108 -15.90 -21.12 15.32
C GLY A 108 -14.78 -22.07 15.73
N SER A 109 -14.27 -22.83 14.76
CA SER A 109 -13.08 -23.67 14.97
C SER A 109 -11.88 -22.72 15.04
N LEU A 110 -10.83 -23.14 15.76
CA LEU A 110 -9.66 -22.26 15.93
C LEU A 110 -8.89 -22.00 14.64
N PHE A 111 -8.57 -20.75 14.38
CA PHE A 111 -7.69 -20.40 13.26
C PHE A 111 -6.26 -20.82 13.67
N ASP A 112 -5.45 -21.32 12.73
CA ASP A 112 -4.09 -21.74 13.01
C ASP A 112 -3.26 -21.62 11.72
N GLN A 113 -1.94 -21.82 11.81
CA GLN A 113 -1.08 -21.71 10.63
C GLN A 113 -1.45 -22.69 9.51
N ALA A 114 -1.91 -23.89 9.86
CA ALA A 114 -2.35 -24.86 8.84
C ALA A 114 -3.54 -24.32 8.04
N THR A 115 -4.44 -23.58 8.71
CA THR A 115 -5.59 -22.99 8.03
C THR A 115 -5.08 -21.90 7.11
N ALA A 116 -4.16 -21.05 7.57
CA ALA A 116 -3.61 -19.99 6.72
C ALA A 116 -2.94 -20.55 5.45
N ARG A 117 -2.19 -21.68 5.55
CA ARG A 117 -1.54 -22.30 4.38
C ARG A 117 -2.59 -22.83 3.38
N ARG A 118 -3.59 -23.51 3.90
CA ARG A 118 -4.70 -24.04 3.13
C ARG A 118 -5.46 -22.90 2.43
N TRP A 119 -5.73 -21.78 3.13
CA TRP A 119 -6.48 -20.66 2.54
C TRP A 119 -5.65 -19.89 1.49
N SER A 120 -4.32 -19.90 1.62
CA SER A 120 -3.45 -19.22 0.65
C SER A 120 -3.54 -19.84 -0.77
N ALA A 121 -4.07 -21.06 -0.92
CA ALA A 121 -4.23 -21.67 -2.23
C ALA A 121 -5.64 -21.45 -2.84
N GLU A 122 -6.49 -20.67 -2.16
CA GLU A 122 -7.82 -20.37 -2.64
C GLU A 122 -7.83 -19.25 -3.69
N GLN A 123 -8.79 -19.29 -4.61
CA GLN A 123 -8.95 -18.24 -5.61
C GLN A 123 -9.87 -17.15 -5.08
N HIS A 124 -10.81 -17.48 -4.16
CA HIS A 124 -11.74 -16.49 -3.67
C HIS A 124 -12.14 -16.72 -2.23
N LEU A 125 -11.70 -15.82 -1.34
CA LEU A 125 -12.05 -15.84 0.08
C LEU A 125 -13.03 -14.69 0.31
N VAL A 126 -14.13 -14.94 1.02
CA VAL A 126 -15.04 -13.86 1.40
C VAL A 126 -15.19 -13.87 2.93
N PHE A 127 -14.99 -12.73 3.58
CA PHE A 127 -15.08 -12.64 5.04
C PHE A 127 -16.38 -11.90 5.36
N ALA A 128 -17.31 -12.57 6.04
CA ALA A 128 -18.58 -11.97 6.44
C ALA A 128 -18.37 -11.52 7.88
N CYS A 129 -18.17 -10.23 8.08
CA CYS A 129 -17.88 -9.72 9.44
C CYS A 129 -19.13 -9.37 10.20
N GLY A 130 -19.35 -10.05 11.30
CA GLY A 130 -20.51 -9.77 12.12
C GLY A 130 -20.24 -8.71 13.19
N ARG A 131 -21.31 -8.07 13.60
CA ARG A 131 -21.39 -7.08 14.66
C ARG A 131 -22.66 -7.46 15.47
N TYR A 132 -22.91 -6.73 16.59
CA TYR A 132 -24.05 -7.00 17.48
C TYR A 132 -23.82 -8.44 18.08
N GLU A 133 -24.85 -9.31 18.19
CA GLU A 133 -24.64 -10.68 18.68
C GLU A 133 -24.08 -11.64 17.61
N GLY A 134 -23.96 -11.19 16.37
CA GLY A 134 -23.50 -12.04 15.28
C GLY A 134 -24.54 -12.10 14.17
N ILE A 135 -24.36 -13.02 13.23
CA ILE A 135 -25.23 -13.14 12.08
C ILE A 135 -26.21 -14.27 12.29
N ASP A 136 -27.48 -14.13 11.78
CA ASP A 136 -28.49 -15.20 11.86
C ASP A 136 -27.86 -16.49 11.31
N GLN A 137 -27.92 -17.60 12.11
CA GLN A 137 -27.26 -18.86 11.78
C GLN A 137 -27.60 -19.39 10.38
N ARG A 138 -28.79 -19.05 9.89
CA ARG A 138 -29.25 -19.52 8.57
C ARG A 138 -28.46 -18.95 7.41
N VAL A 139 -27.75 -17.85 7.59
CA VAL A 139 -26.88 -17.31 6.51
C VAL A 139 -25.78 -18.32 6.16
N ALA A 140 -25.03 -18.83 7.19
CA ALA A 140 -23.96 -19.81 6.96
C ALA A 140 -24.59 -21.11 6.40
N GLU A 141 -25.73 -21.55 6.96
CA GLU A 141 -26.40 -22.77 6.48
C GLU A 141 -26.86 -22.66 5.03
N ASP A 142 -27.52 -21.55 4.66
CA ASP A 142 -27.96 -21.37 3.26
C ASP A 142 -26.72 -21.29 2.34
N SER A 143 -25.70 -20.53 2.74
CA SER A 143 -24.49 -20.38 1.93
C SER A 143 -23.81 -21.72 1.64
N ALA A 144 -23.76 -22.60 2.66
CA ALA A 144 -23.11 -23.90 2.51
C ALA A 144 -23.78 -24.80 1.47
N ARG A 145 -24.95 -24.41 0.95
CA ARG A 145 -25.61 -25.15 -0.13
C ARG A 145 -24.93 -24.91 -1.47
N ARG A 146 -24.26 -23.76 -1.66
CA ARG A 146 -23.64 -23.47 -2.95
C ARG A 146 -22.16 -23.14 -2.89
N MET A 147 -21.59 -22.98 -1.69
CA MET A 147 -20.18 -22.69 -1.51
C MET A 147 -19.64 -23.38 -0.24
N ARG A 148 -18.32 -23.36 -0.03
CA ARG A 148 -17.73 -23.90 1.19
C ARG A 148 -17.81 -22.80 2.25
N VAL A 149 -18.17 -23.14 3.50
CA VAL A 149 -18.32 -22.20 4.58
C VAL A 149 -17.52 -22.65 5.81
N GLU A 150 -16.72 -21.75 6.40
CA GLU A 150 -15.98 -22.04 7.62
C GLU A 150 -16.21 -20.95 8.67
N GLU A 151 -16.73 -21.32 9.83
CA GLU A 151 -16.94 -20.40 10.95
C GLU A 151 -15.64 -20.49 11.76
N VAL A 152 -14.95 -19.36 11.93
CA VAL A 152 -13.61 -19.42 12.52
C VAL A 152 -13.36 -18.42 13.64
N SER A 153 -12.68 -18.89 14.70
CA SER A 153 -12.29 -18.01 15.81
C SER A 153 -10.80 -17.85 15.82
N ILE A 154 -10.30 -16.62 15.93
CA ILE A 154 -8.85 -16.40 16.04
C ILE A 154 -8.29 -16.75 17.45
N GLY A 155 -9.16 -16.92 18.45
CA GLY A 155 -8.70 -17.29 19.79
C GLY A 155 -9.81 -17.21 20.83
N ASP A 156 -9.53 -17.69 22.04
CA ASP A 156 -10.49 -17.73 23.12
C ASP A 156 -10.60 -16.38 23.86
N TYR A 157 -11.11 -15.39 23.14
CA TYR A 157 -11.39 -14.05 23.61
C TYR A 157 -12.52 -13.48 22.80
N VAL A 158 -13.14 -12.44 23.32
CA VAL A 158 -14.33 -11.87 22.71
C VAL A 158 -14.04 -10.46 22.18
N LEU A 159 -14.33 -10.28 20.91
CA LEU A 159 -14.10 -9.00 20.22
C LEU A 159 -15.47 -8.33 19.94
N PRO A 160 -15.51 -7.01 19.67
CA PRO A 160 -16.81 -6.35 19.41
C PRO A 160 -17.44 -6.70 18.05
N GLY A 161 -16.63 -7.17 17.12
CA GLY A 161 -17.07 -7.60 15.80
C GLY A 161 -15.99 -8.44 15.13
N GLY A 162 -16.30 -8.92 13.92
CA GLY A 162 -15.37 -9.78 13.21
C GLY A 162 -14.27 -9.06 12.42
N GLU A 163 -14.32 -7.71 12.34
CA GLU A 163 -13.37 -6.97 11.47
C GLU A 163 -11.90 -7.18 11.84
N SER A 164 -11.55 -7.01 13.14
CA SER A 164 -10.14 -7.19 13.54
C SER A 164 -9.66 -8.62 13.37
N ALA A 165 -10.58 -9.60 13.45
CA ALA A 165 -10.23 -10.99 13.24
C ALA A 165 -10.01 -11.24 11.76
N ALA A 166 -10.84 -10.64 10.86
CA ALA A 166 -10.63 -10.77 9.39
C ALA A 166 -9.25 -10.18 9.03
N VAL A 167 -8.87 -9.06 9.67
CA VAL A 167 -7.55 -8.45 9.39
C VAL A 167 -6.39 -9.43 9.73
N VAL A 168 -6.47 -10.08 10.90
CA VAL A 168 -5.48 -11.05 11.37
C VAL A 168 -5.38 -12.23 10.39
N MET A 169 -6.54 -12.78 9.99
CA MET A 169 -6.56 -13.95 9.12
C MET A 169 -6.06 -13.65 7.72
N ILE A 170 -6.41 -12.46 7.21
CA ILE A 170 -5.97 -12.02 5.90
C ILE A 170 -4.46 -11.75 5.94
N GLU A 171 -3.95 -11.13 6.99
CA GLU A 171 -2.50 -10.87 7.09
C GLU A 171 -1.73 -12.17 7.11
N ALA A 172 -2.20 -13.15 7.88
CA ALA A 172 -1.55 -14.45 7.97
C ALA A 172 -1.56 -15.16 6.65
N VAL A 173 -2.60 -14.94 5.82
CA VAL A 173 -2.65 -15.55 4.50
C VAL A 173 -1.71 -14.80 3.55
N LEU A 174 -1.82 -13.44 3.49
CA LEU A 174 -1.08 -12.59 2.54
C LEU A 174 0.41 -12.72 2.64
N ARG A 175 0.94 -12.87 3.86
CA ARG A 175 2.39 -13.04 4.00
C ARG A 175 2.87 -14.40 3.43
N LEU A 176 1.96 -15.37 3.22
CA LEU A 176 2.30 -16.64 2.58
C LEU A 176 2.35 -16.57 1.05
N LEU A 177 1.75 -15.52 0.46
CA LEU A 177 1.75 -15.33 -0.98
C LEU A 177 3.00 -14.58 -1.44
N GLY A 202 12.71 -18.90 19.45
CA GLY A 202 13.80 -18.42 20.30
C GLY A 202 13.98 -16.91 20.21
N PRO A 203 14.70 -16.33 21.17
CA PRO A 203 14.91 -14.88 21.16
C PRO A 203 15.80 -14.42 20.01
N SER A 204 15.59 -13.18 19.58
CA SER A 204 16.38 -12.60 18.50
C SER A 204 17.29 -11.48 19.03
N TYR A 205 18.45 -11.32 18.45
CA TYR A 205 19.40 -10.29 18.84
C TYR A 205 20.03 -9.68 17.61
N THR A 206 20.35 -8.41 17.70
CA THR A 206 21.09 -7.72 16.64
C THR A 206 22.07 -6.72 17.30
N ARG A 207 22.85 -5.96 16.49
CA ARG A 207 23.81 -5.01 17.07
C ARG A 207 23.13 -3.97 17.97
N PRO A 208 23.83 -3.39 18.96
CA PRO A 208 25.23 -3.66 19.37
C PRO A 208 25.44 -4.93 20.20
N PRO A 209 26.69 -5.42 20.37
CA PRO A 209 26.88 -6.65 21.15
C PRO A 209 26.61 -6.50 22.66
N SER A 210 26.68 -5.27 23.17
CA SER A 210 26.40 -5.02 24.59
C SER A 210 25.51 -3.78 24.67
N TRP A 211 24.46 -3.80 25.51
CA TRP A 211 23.51 -2.66 25.57
C TRP A 211 22.88 -2.63 26.93
N ARG A 212 23.04 -1.52 27.66
CA ARG A 212 22.45 -1.36 29.01
C ARG A 212 22.82 -2.51 29.96
N GLY A 213 24.05 -3.00 29.87
CA GLY A 213 24.54 -4.08 30.74
C GLY A 213 24.15 -5.46 30.30
N LEU A 214 23.47 -5.58 29.16
CA LEU A 214 23.00 -6.85 28.64
C LEU A 214 23.74 -7.19 27.35
N ASP A 215 24.40 -8.34 27.35
CA ASP A 215 25.19 -8.80 26.23
C ASP A 215 24.47 -9.84 25.40
N VAL A 216 24.74 -9.86 24.11
CA VAL A 216 24.21 -10.92 23.24
C VAL A 216 24.92 -12.25 23.64
N PRO A 217 24.19 -13.39 23.75
CA PRO A 217 24.86 -14.68 24.06
C PRO A 217 26.04 -14.94 23.09
N GLU A 218 27.24 -15.23 23.62
CA GLU A 218 28.42 -15.39 22.78
C GLU A 218 28.29 -16.47 21.69
N ILE A 219 27.52 -17.52 21.96
CA ILE A 219 27.34 -18.60 21.00
C ILE A 219 26.83 -18.10 19.63
N LEU A 220 26.04 -16.99 19.65
CA LEU A 220 25.46 -16.43 18.42
C LEU A 220 26.48 -15.77 17.52
N LEU A 221 27.66 -15.44 18.03
CA LEU A 221 28.71 -14.81 17.22
C LEU A 221 29.80 -15.83 16.81
N SER A 222 29.61 -17.15 17.10
CA SER A 222 30.60 -18.19 16.84
C SER A 222 30.59 -18.71 15.39
N GLY A 223 29.49 -18.55 14.68
CA GLY A 223 29.38 -19.05 13.31
C GLY A 223 29.13 -20.55 13.21
N ASP A 224 28.96 -21.24 14.34
CA ASP A 224 28.72 -22.68 14.35
C ASP A 224 27.22 -22.91 14.28
N HIS A 225 26.70 -23.34 13.13
CA HIS A 225 25.27 -23.57 12.98
C HIS A 225 24.68 -24.64 13.92
N ALA A 226 25.29 -25.83 14.02
CA ALA A 226 24.78 -26.88 14.89
C ALA A 226 24.80 -26.43 16.39
N ARG A 227 25.86 -25.74 16.87
CA ARG A 227 25.90 -25.26 18.26
C ARG A 227 24.87 -24.13 18.52
N ILE A 228 24.61 -23.28 17.50
CA ILE A 228 23.61 -22.23 17.64
C ILE A 228 22.23 -22.91 17.69
N ALA A 229 21.98 -23.89 16.80
CA ALA A 229 20.73 -24.63 16.80
C ALA A 229 20.45 -25.32 18.15
N THR A 230 21.46 -25.97 18.75
CA THR A 230 21.23 -26.65 20.03
C THR A 230 20.95 -25.65 21.17
N TRP A 231 21.58 -24.46 21.15
CA TRP A 231 21.35 -23.41 22.15
C TRP A 231 19.90 -22.88 21.96
N ARG A 232 19.50 -22.63 20.70
CA ARG A 232 18.15 -22.17 20.38
C ARG A 232 17.10 -23.19 20.79
N ARG A 233 17.43 -24.50 20.76
CA ARG A 233 16.46 -25.53 21.16
C ARG A 233 16.28 -25.48 22.68
N GLU A 234 17.37 -25.34 23.42
CA GLU A 234 17.38 -25.25 24.88
C GLU A 234 16.63 -24.00 25.36
N VAL A 235 16.95 -22.81 24.82
CA VAL A 235 16.30 -21.57 25.24
C VAL A 235 14.80 -21.57 24.86
N SER A 236 14.46 -22.09 23.67
CA SER A 236 13.08 -22.20 23.22
C SER A 236 12.25 -23.19 24.09
N LEU A 237 12.88 -24.25 24.61
CA LEU A 237 12.22 -25.21 25.49
C LEU A 237 11.91 -24.59 26.87
N ARG A 238 12.86 -23.86 27.49
CA ARG A 238 12.59 -23.19 28.77
C ARG A 238 11.45 -22.18 28.59
N ARG A 239 11.50 -21.37 27.51
CA ARG A 239 10.44 -20.40 27.22
C ARG A 239 9.09 -21.06 27.05
N THR A 240 9.01 -22.20 26.32
CA THR A 240 7.74 -22.90 26.10
C THR A 240 7.17 -23.44 27.41
N ARG A 241 8.05 -23.97 28.28
CA ARG A 241 7.61 -24.51 29.58
C ARG A 241 7.07 -23.41 30.46
N GLU A 242 7.69 -22.22 30.44
CA GLU A 242 7.26 -21.08 31.24
C GLU A 242 6.01 -20.38 30.68
N ARG A 243 5.93 -20.20 29.35
CA ARG A 243 4.85 -19.44 28.75
C ARG A 243 3.65 -20.23 28.21
N ARG A 244 3.86 -21.49 27.83
CA ARG A 244 2.81 -22.30 27.25
C ARG A 244 2.50 -23.59 28.03
N PRO A 245 1.93 -23.50 29.26
CA PRO A 245 1.57 -24.74 29.98
C PRO A 245 0.46 -25.54 29.28
N ASP A 246 -0.40 -24.82 28.52
CA ASP A 246 -1.47 -25.39 27.72
C ASP A 246 -0.94 -26.37 26.65
N LEU A 247 0.39 -26.42 26.40
CA LEU A 247 0.94 -27.32 25.38
C LEU A 247 1.37 -28.68 25.94
N GLY B 20 -8.53 4.96 37.95
CA GLY B 20 -9.75 4.50 37.29
C GLY B 20 -9.84 4.95 35.83
N SER B 21 -8.70 5.23 35.19
CA SER B 21 -8.67 5.65 33.78
C SER B 21 -7.76 4.70 32.99
N MET B 22 -7.97 4.57 31.67
CA MET B 22 -7.17 3.68 30.85
C MET B 22 -6.37 4.47 29.79
N LYS B 23 -5.06 4.47 29.93
CA LYS B 23 -4.16 5.12 28.97
C LYS B 23 -3.50 4.02 28.15
N ILE B 24 -3.55 4.08 26.83
CA ILE B 24 -2.98 3.05 25.95
C ILE B 24 -2.09 3.77 24.97
N ASP B 25 -0.81 3.36 24.89
CA ASP B 25 0.12 3.91 23.90
C ASP B 25 0.54 2.75 23.01
N VAL B 26 0.59 2.95 21.70
CA VAL B 26 1.03 1.90 20.77
C VAL B 26 2.23 2.47 20.07
N VAL B 27 3.33 1.72 20.04
CA VAL B 27 4.52 2.17 19.38
C VAL B 27 4.73 1.26 18.17
N THR B 28 4.91 1.86 16.98
CA THR B 28 4.96 1.10 15.75
C THR B 28 5.66 1.93 14.63
N ILE B 29 6.12 1.26 13.58
CA ILE B 29 6.64 1.98 12.40
C ILE B 29 5.51 2.25 11.37
N PHE B 30 4.26 1.80 11.67
CA PHE B 30 3.07 2.00 10.82
C PHE B 30 1.99 2.63 11.67
N PRO B 31 2.14 3.90 12.07
CA PRO B 31 1.12 4.52 12.93
C PRO B 31 -0.28 4.64 12.30
N ALA B 32 -0.39 4.80 10.94
CA ALA B 32 -1.74 4.89 10.33
C ALA B 32 -2.56 3.61 10.53
N TYR B 33 -1.89 2.47 10.77
CA TYR B 33 -2.53 1.19 11.00
C TYR B 33 -3.59 1.29 12.14
N LEU B 34 -3.29 2.08 13.17
CA LEU B 34 -4.17 2.22 14.33
C LEU B 34 -5.23 3.34 14.19
N ASP B 35 -5.21 4.11 13.08
CA ASP B 35 -6.16 5.22 12.84
C ASP B 35 -7.64 4.78 12.90
N PRO B 36 -8.04 3.67 12.25
CA PRO B 36 -9.46 3.27 12.34
C PRO B 36 -9.86 2.96 13.78
N LEU B 37 -9.03 2.23 14.54
CA LEU B 37 -9.31 1.93 15.94
C LEU B 37 -9.48 3.23 16.79
N ARG B 38 -8.60 4.21 16.62
CA ARG B 38 -8.69 5.48 17.36
C ARG B 38 -9.96 6.23 17.00
N GLN B 39 -10.29 6.30 15.70
CA GLN B 39 -11.50 7.00 15.27
C GLN B 39 -12.79 6.30 15.70
N SER B 40 -12.73 4.99 15.98
CA SER B 40 -13.87 4.20 16.43
C SER B 40 -14.26 4.44 17.89
N LEU B 41 -13.33 4.95 18.73
CA LEU B 41 -13.64 5.17 20.14
C LEU B 41 -14.68 6.26 20.28
N PRO B 42 -15.69 6.06 21.17
CA PRO B 42 -16.72 7.09 21.36
C PRO B 42 -16.07 8.36 21.84
N GLY B 43 -16.41 9.46 21.18
CA GLY B 43 -15.89 10.79 21.46
C GLY B 43 -15.89 11.17 22.92
N ARG B 44 -17.00 10.86 23.65
CA ARG B 44 -17.08 11.27 25.02
C ARG B 44 -16.20 10.41 25.97
N ALA B 45 -15.85 9.14 25.63
CA ALA B 45 -14.88 8.40 26.47
C ALA B 45 -13.48 9.05 26.33
N ILE B 46 -13.15 9.57 25.13
CA ILE B 46 -11.87 10.27 24.89
C ILE B 46 -11.87 11.64 25.57
N ALA B 47 -12.94 12.43 25.38
CA ALA B 47 -13.02 13.78 25.91
C ALA B 47 -13.00 13.77 27.45
N SER B 48 -13.64 12.79 28.08
CA SER B 48 -13.62 12.70 29.54
C SER B 48 -12.25 12.13 30.08
N GLY B 49 -11.36 11.72 29.18
CA GLY B 49 -10.06 11.16 29.55
C GLY B 49 -10.12 9.74 30.09
N LEU B 50 -11.29 9.09 30.06
CA LEU B 50 -11.42 7.72 30.59
C LEU B 50 -10.69 6.71 29.73
N VAL B 51 -10.56 6.99 28.42
CA VAL B 51 -9.74 6.20 27.48
C VAL B 51 -8.83 7.19 26.76
N ASP B 52 -7.54 6.96 26.77
CA ASP B 52 -6.57 7.86 26.15
C ASP B 52 -5.62 7.02 25.31
N LEU B 53 -5.98 6.79 24.03
CA LEU B 53 -5.22 6.00 23.06
C LEU B 53 -4.37 6.90 22.18
N GLN B 54 -3.06 6.70 22.21
CA GLN B 54 -2.12 7.48 21.41
C GLN B 54 -1.20 6.52 20.67
N VAL B 55 -0.87 6.83 19.41
CA VAL B 55 -0.03 5.97 18.56
C VAL B 55 1.22 6.74 18.22
N HIS B 56 2.41 6.10 18.38
CA HIS B 56 3.67 6.78 18.20
C HIS B 56 4.50 6.10 17.14
N ASP B 57 5.10 6.91 16.28
CA ASP B 57 5.97 6.39 15.24
C ASP B 57 7.32 6.11 15.91
N LEU B 58 7.73 4.84 15.93
CA LEU B 58 9.02 4.45 16.50
C LEU B 58 10.21 5.25 15.88
N ARG B 59 10.09 5.62 14.58
CA ARG B 59 11.18 6.36 13.89
C ARG B 59 11.50 7.74 14.49
N ARG B 60 10.56 8.29 15.29
CA ARG B 60 10.77 9.55 15.99
C ARG B 60 11.97 9.47 16.97
N TRP B 61 12.33 8.25 17.42
CA TRP B 61 13.43 8.08 18.35
C TRP B 61 14.74 7.59 17.71
N THR B 62 14.85 7.68 16.39
CA THR B 62 16.10 7.34 15.70
C THR B 62 16.99 8.60 15.59
N TYR B 63 18.26 8.43 15.18
CA TYR B 63 19.15 9.58 15.04
C TYR B 63 19.67 9.77 13.63
N ASP B 64 19.76 8.66 12.86
CA ASP B 64 20.39 8.75 11.53
C ASP B 64 19.44 9.26 10.47
N VAL B 65 19.98 9.69 9.32
CA VAL B 65 19.13 10.15 8.21
C VAL B 65 18.17 9.03 7.74
N HIS B 66 18.57 7.76 7.87
CA HIS B 66 17.74 6.63 7.42
C HIS B 66 16.58 6.31 8.38
N HIS B 67 16.60 6.83 9.63
CA HIS B 67 15.59 6.48 10.65
C HIS B 67 15.61 4.93 10.88
N SER B 68 16.82 4.36 10.92
CA SER B 68 17.08 2.93 11.04
C SER B 68 16.47 2.38 12.31
N VAL B 69 15.63 1.36 12.16
CA VAL B 69 15.03 0.69 13.31
C VAL B 69 15.43 -0.79 13.35
N ASP B 70 16.08 -1.33 12.30
CA ASP B 70 16.41 -2.75 12.26
C ASP B 70 17.82 -3.02 11.75
N ASP B 71 18.30 -4.25 11.94
CA ASP B 71 19.64 -4.65 11.56
C ASP B 71 19.71 -6.19 11.45
N SER B 72 20.81 -6.72 10.89
CA SER B 72 21.06 -8.14 10.70
C SER B 72 21.07 -8.91 12.02
N PRO B 73 20.41 -10.08 12.07
CA PRO B 73 20.42 -10.86 13.31
C PRO B 73 21.78 -11.47 13.57
N TYR B 74 22.13 -11.61 14.85
CA TYR B 74 23.32 -12.36 15.21
C TYR B 74 22.96 -13.84 15.05
N GLY B 75 23.91 -14.62 14.53
CA GLY B 75 23.75 -16.06 14.34
C GLY B 75 23.01 -16.49 13.11
N GLY B 76 22.97 -15.63 12.09
CA GLY B 76 22.25 -15.94 10.86
C GLY B 76 20.74 -15.84 11.04
N GLY B 77 20.02 -15.60 9.95
CA GLY B 77 18.57 -15.45 9.98
C GLY B 77 17.87 -15.85 8.70
N GLY B 79 16.50 -12.40 7.67
CA GLY B 79 15.63 -11.26 7.89
C GLY B 79 16.31 -10.18 8.70
N MET B 80 15.53 -9.35 9.37
CA MET B 80 16.06 -8.26 10.19
C MET B 80 15.40 -8.28 11.57
N VAL B 81 16.12 -7.80 12.56
CA VAL B 81 15.64 -7.72 13.94
C VAL B 81 15.58 -6.24 14.31
N MET B 82 14.54 -5.81 15.03
CA MET B 82 14.47 -4.44 15.48
C MET B 82 15.47 -4.15 16.58
N LYS B 83 16.17 -3.05 16.43
CA LYS B 83 17.25 -2.61 17.33
C LYS B 83 16.80 -2.22 18.72
N ALA B 84 17.55 -2.65 19.72
CA ALA B 84 17.27 -2.26 21.08
C ALA B 84 17.43 -0.74 21.36
N PRO B 85 18.49 -0.03 20.89
CA PRO B 85 18.64 1.38 21.29
C PRO B 85 17.43 2.30 21.00
N VAL B 86 16.84 2.15 19.81
CA VAL B 86 15.66 2.97 19.47
C VAL B 86 14.49 2.64 20.40
N TRP B 87 14.28 1.34 20.67
CA TRP B 87 13.20 0.92 21.56
C TRP B 87 13.41 1.44 22.96
N GLY B 88 14.63 1.36 23.46
CA GLY B 88 14.96 1.91 24.77
C GLY B 88 14.70 3.42 24.86
N GLU B 89 15.00 4.19 23.79
CA GLU B 89 14.72 5.63 23.81
C GLU B 89 13.21 5.88 23.88
N ALA B 90 12.45 5.13 23.07
CA ALA B 90 11.02 5.27 22.99
C ALA B 90 10.35 4.93 24.31
N LEU B 91 10.71 3.78 24.90
CA LEU B 91 10.07 3.34 26.12
C LEU B 91 10.52 4.19 27.30
N ASP B 92 11.76 4.74 27.29
CA ASP B 92 12.19 5.64 28.38
C ASP B 92 11.27 6.88 28.42
N GLU B 93 10.85 7.36 27.25
CA GLU B 93 9.97 8.51 27.18
C GLU B 93 8.51 8.17 27.51
N ILE B 94 8.00 7.06 26.98
CA ILE B 94 6.58 6.72 27.11
C ILE B 94 6.16 6.05 28.43
N CYS B 95 7.01 5.14 28.94
CA CYS B 95 6.65 4.35 30.12
C CYS B 95 7.03 4.95 31.46
N SER B 96 6.41 4.43 32.50
CA SER B 96 6.69 4.72 33.89
C SER B 96 6.57 3.38 34.69
N ALA B 97 6.88 3.40 36.00
CA ALA B 97 6.83 2.22 36.87
C ALA B 97 5.46 1.51 36.85
N GLU B 98 4.39 2.27 36.64
CA GLU B 98 3.02 1.74 36.62
C GLU B 98 2.65 1.03 35.30
N THR B 99 3.45 1.19 34.26
CA THR B 99 3.15 0.67 32.95
C THR B 99 3.17 -0.82 32.86
N LEU B 100 2.23 -1.36 32.08
CA LEU B 100 2.28 -2.74 31.65
C LEU B 100 2.65 -2.72 30.13
N LEU B 101 3.87 -3.14 29.80
CA LEU B 101 4.37 -3.19 28.43
C LEU B 101 3.99 -4.57 27.81
N VAL B 102 3.22 -4.57 26.74
CA VAL B 102 2.79 -5.74 26.02
C VAL B 102 3.59 -5.83 24.76
N VAL B 103 4.25 -6.97 24.57
CA VAL B 103 5.00 -7.19 23.34
C VAL B 103 4.28 -8.30 22.56
N PRO B 104 3.48 -7.95 21.51
CA PRO B 104 2.80 -9.00 20.71
C PRO B 104 3.87 -9.85 20.02
N THR B 105 3.84 -11.16 20.22
CA THR B 105 4.84 -12.06 19.62
C THR B 105 4.31 -13.50 19.61
N PRO B 106 4.56 -14.27 18.54
CA PRO B 106 4.17 -15.70 18.52
C PRO B 106 4.83 -16.51 19.64
N ALA B 107 5.96 -16.05 20.22
CA ALA B 107 6.62 -16.74 21.33
C ALA B 107 6.01 -16.37 22.70
N GLY B 108 4.94 -15.58 22.73
CA GLY B 108 4.35 -15.16 24.00
C GLY B 108 3.36 -16.13 24.60
N SER B 109 2.93 -15.83 25.81
CA SER B 109 1.87 -16.59 26.45
C SER B 109 0.56 -16.29 25.66
N LEU B 110 -0.41 -17.22 25.65
CA LEU B 110 -1.63 -16.98 24.86
C LEU B 110 -2.51 -15.89 25.47
N PHE B 111 -3.00 -15.00 24.64
CA PHE B 111 -3.96 -14.01 25.08
C PHE B 111 -5.30 -14.77 25.21
N ASP B 112 -6.05 -14.50 26.27
CA ASP B 112 -7.36 -15.12 26.48
C ASP B 112 -8.27 -14.12 27.20
N GLN B 113 -9.54 -14.49 27.38
CA GLN B 113 -10.51 -13.58 27.99
C GLN B 113 -10.11 -13.22 29.42
N ALA B 114 -9.50 -14.15 30.17
CA ALA B 114 -9.06 -13.85 31.54
C ALA B 114 -7.97 -12.75 31.51
N THR B 115 -7.09 -12.74 30.48
CA THR B 115 -6.08 -11.69 30.35
C THR B 115 -6.75 -10.35 30.02
N ALA B 116 -7.73 -10.34 29.08
CA ALA B 116 -8.47 -9.10 28.75
C ALA B 116 -9.11 -8.51 30.01
N ARG B 117 -9.77 -9.35 30.84
CA ARG B 117 -10.38 -8.83 32.07
C ARG B 117 -9.32 -8.21 33.01
N ARG B 118 -8.22 -8.91 33.18
CA ARG B 118 -7.12 -8.45 34.01
C ARG B 118 -6.54 -7.12 33.52
N TRP B 119 -6.29 -7.01 32.20
CA TRP B 119 -5.74 -5.80 31.63
C TRP B 119 -6.73 -4.62 31.67
N SER B 120 -8.04 -4.90 31.63
CA SER B 120 -9.05 -3.86 31.73
C SER B 120 -8.99 -3.10 33.06
N ALA B 121 -8.33 -3.65 34.10
CA ALA B 121 -8.18 -2.93 35.37
C ALA B 121 -6.90 -2.05 35.38
N GLU B 122 -6.05 -2.11 34.34
CA GLU B 122 -4.81 -1.37 34.31
C GLU B 122 -4.93 0.11 33.99
N GLN B 123 -3.98 0.89 34.52
CA GLN B 123 -3.99 2.32 34.26
C GLN B 123 -3.21 2.70 32.99
N HIS B 124 -2.20 1.92 32.62
CA HIS B 124 -1.36 2.25 31.46
C HIS B 124 -0.86 1.02 30.75
N LEU B 125 -1.33 0.80 29.50
CA LEU B 125 -0.86 -0.30 28.67
C LEU B 125 -0.04 0.31 27.55
N VAL B 126 1.12 -0.28 27.24
CA VAL B 126 1.94 0.18 26.13
C VAL B 126 2.17 -1.02 25.24
N PHE B 127 1.87 -0.93 23.93
CA PHE B 127 2.02 -2.06 23.01
C PHE B 127 3.22 -1.78 22.14
N ALA B 128 4.31 -2.57 22.29
CA ALA B 128 5.51 -2.44 21.48
C ALA B 128 5.35 -3.39 20.29
N CYS B 129 4.94 -2.84 19.14
CA CYS B 129 4.72 -3.63 17.91
C CYS B 129 5.96 -3.82 17.11
N GLY B 130 6.38 -5.06 17.01
CA GLY B 130 7.55 -5.39 16.23
C GLY B 130 7.17 -5.81 14.82
N ARG B 131 8.14 -5.80 13.95
CA ARG B 131 8.07 -6.27 12.58
C ARG B 131 9.28 -7.21 12.41
N TYR B 132 9.31 -7.82 11.20
CA TYR B 132 10.39 -8.69 10.71
C TYR B 132 10.58 -9.89 11.67
N GLU B 133 11.80 -10.24 12.09
CA GLU B 133 12.01 -11.34 13.00
C GLU B 133 11.64 -11.02 14.45
N GLY B 134 11.19 -9.81 14.75
CA GLY B 134 10.84 -9.43 16.12
C GLY B 134 11.76 -8.33 16.66
N ILE B 135 11.64 -8.03 17.95
CA ILE B 135 12.45 -6.98 18.58
C ILE B 135 13.60 -7.65 19.31
N ASP B 136 14.81 -7.05 19.32
CA ASP B 136 15.94 -7.58 20.12
C ASP B 136 15.46 -7.95 21.54
N GLN B 137 15.70 -9.20 21.97
CA GLN B 137 15.23 -9.67 23.27
C GLN B 137 15.64 -8.80 24.47
N ARG B 138 16.72 -8.01 24.33
CA ARG B 138 17.17 -7.16 25.43
C ARG B 138 16.22 -6.01 25.73
N VAL B 139 15.30 -5.67 24.81
CA VAL B 139 14.32 -4.64 25.06
C VAL B 139 13.40 -5.09 26.19
N ALA B 140 12.84 -6.32 26.07
CA ALA B 140 11.94 -6.86 27.12
C ALA B 140 12.70 -7.02 28.44
N GLU B 141 13.98 -7.42 28.39
CA GLU B 141 14.75 -7.62 29.58
C GLU B 141 15.07 -6.32 30.31
N ASP B 142 15.52 -5.29 29.57
CA ASP B 142 15.82 -3.99 30.17
C ASP B 142 14.53 -3.36 30.69
N SER B 143 13.46 -3.41 29.87
CA SER B 143 12.21 -2.81 30.28
C SER B 143 11.68 -3.39 31.57
N ALA B 144 11.91 -4.69 31.80
CA ALA B 144 11.41 -5.36 32.99
C ALA B 144 12.05 -4.86 34.29
N ARG B 145 13.20 -4.15 34.18
CA ARG B 145 13.79 -3.50 35.35
C ARG B 145 12.89 -2.36 35.84
N ARG B 146 12.16 -1.69 34.94
CA ARG B 146 11.43 -0.49 35.29
C ARG B 146 9.92 -0.52 35.11
N MET B 147 9.39 -1.60 34.57
CA MET B 147 7.94 -1.73 34.39
C MET B 147 7.59 -3.24 34.29
N ARG B 148 6.28 -3.58 34.21
CA ARG B 148 5.91 -4.98 33.96
C ARG B 148 5.98 -5.23 32.48
N VAL B 149 6.37 -6.45 32.09
CA VAL B 149 6.43 -6.78 30.66
C VAL B 149 5.71 -8.11 30.43
N GLU B 150 4.76 -8.17 29.47
CA GLU B 150 4.10 -9.42 29.11
C GLU B 150 4.30 -9.65 27.62
N GLU B 151 4.98 -10.74 27.24
CA GLU B 151 5.12 -11.09 25.82
C GLU B 151 3.89 -12.00 25.52
N VAL B 152 3.04 -11.58 24.58
CA VAL B 152 1.75 -12.25 24.36
C VAL B 152 1.47 -12.62 22.88
N SER B 153 0.95 -13.83 22.64
CA SER B 153 0.54 -14.25 21.33
C SER B 153 -0.98 -14.32 21.27
N ILE B 154 -1.62 -13.77 20.22
CA ILE B 154 -3.08 -13.93 20.08
C ILE B 154 -3.50 -15.32 19.57
N GLY B 155 -2.55 -16.13 19.11
CA GLY B 155 -2.83 -17.47 18.65
C GLY B 155 -1.70 -18.09 17.88
N ASP B 156 -1.79 -19.38 17.62
CA ASP B 156 -0.73 -20.11 16.94
C ASP B 156 -0.80 -19.98 15.41
N TYR B 157 -0.45 -18.81 14.95
CA TYR B 157 -0.39 -18.45 13.55
C TYR B 157 0.58 -17.30 13.45
N VAL B 158 1.22 -17.16 12.30
CA VAL B 158 2.26 -16.15 12.10
C VAL B 158 1.73 -14.93 11.39
N LEU B 159 1.99 -13.76 11.99
CA LEU B 159 1.61 -12.47 11.44
C LEU B 159 2.86 -11.67 10.97
N PRO B 160 2.70 -10.72 10.04
CA PRO B 160 3.88 -9.94 9.57
C PRO B 160 4.45 -8.96 10.63
N GLY B 161 3.64 -8.59 11.58
CA GLY B 161 3.98 -7.62 12.61
C GLY B 161 2.98 -7.67 13.76
N GLY B 162 3.27 -6.96 14.83
CA GLY B 162 2.43 -6.99 16.02
C GLY B 162 1.19 -6.11 15.98
N GLU B 163 1.04 -5.23 14.99
CA GLU B 163 -0.03 -4.25 14.91
C GLU B 163 -1.42 -4.85 14.93
N SER B 164 -1.67 -5.84 14.06
CA SER B 164 -3.03 -6.46 14.04
C SER B 164 -3.31 -7.20 15.34
N ALA B 165 -2.25 -7.72 16.01
CA ALA B 165 -2.42 -8.39 17.28
C ALA B 165 -2.73 -7.37 18.40
N ALA B 166 -2.06 -6.21 18.37
CA ALA B 166 -2.31 -5.11 19.29
C ALA B 166 -3.76 -4.58 19.11
N VAL B 167 -4.26 -4.48 17.89
CA VAL B 167 -5.67 -4.04 17.64
C VAL B 167 -6.63 -5.03 18.30
N VAL B 168 -6.42 -6.35 18.09
CA VAL B 168 -7.27 -7.41 18.69
C VAL B 168 -7.30 -7.28 20.21
N MET B 169 -6.08 -7.20 20.81
CA MET B 169 -6.02 -7.10 22.26
C MET B 169 -6.68 -5.84 22.78
N ILE B 170 -6.42 -4.67 22.14
CA ILE B 170 -7.04 -3.42 22.61
C ILE B 170 -8.56 -3.49 22.49
N GLU B 171 -9.04 -4.05 21.39
CA GLU B 171 -10.48 -4.24 21.20
C GLU B 171 -11.10 -5.13 22.30
N ALA B 172 -10.44 -6.27 22.64
CA ALA B 172 -10.97 -7.14 23.69
C ALA B 172 -10.96 -6.43 25.05
N VAL B 173 -9.99 -5.54 25.30
CA VAL B 173 -9.96 -4.82 26.58
C VAL B 173 -11.01 -3.70 26.65
N LEU B 174 -11.05 -2.87 25.59
CA LEU B 174 -11.96 -1.72 25.51
C LEU B 174 -13.41 -2.10 25.54
N ARG B 175 -13.74 -3.25 24.99
CA ARG B 175 -15.13 -3.75 24.98
C ARG B 175 -15.61 -3.96 26.44
N LEU B 176 -14.70 -4.35 27.34
CA LEU B 176 -15.03 -4.56 28.76
C LEU B 176 -15.16 -3.26 29.56
N LEU B 177 -14.70 -2.14 29.03
CA LEU B 177 -14.79 -0.84 29.69
C LEU B 177 -16.00 -0.13 29.08
N THR B 178 -16.00 0.05 27.75
CA THR B 178 -17.03 0.71 26.95
C THR B 178 -18.11 -0.28 26.51
N LEU B 199 -17.33 -23.13 27.05
CA LEU B 199 -18.59 -23.32 26.32
C LEU B 199 -18.77 -22.27 25.21
N LEU B 200 -18.78 -22.70 23.95
CA LEU B 200 -18.95 -21.84 22.78
C LEU B 200 -20.37 -21.27 22.73
N GLU B 201 -20.51 -20.03 22.25
CA GLU B 201 -21.80 -19.36 22.08
C GLU B 201 -22.61 -20.14 21.04
N GLY B 202 -23.90 -20.27 21.26
CA GLY B 202 -24.76 -20.99 20.34
C GLY B 202 -25.28 -20.12 19.23
N PRO B 203 -26.17 -20.69 18.39
CA PRO B 203 -26.70 -19.93 17.24
C PRO B 203 -27.67 -18.84 17.65
N SER B 204 -27.73 -17.80 16.83
CA SER B 204 -28.66 -16.68 17.04
C SER B 204 -29.59 -16.58 15.80
N TYR B 205 -30.82 -16.10 16.01
CA TYR B 205 -31.82 -15.98 14.93
C TYR B 205 -32.66 -14.73 15.09
N THR B 206 -33.07 -14.14 14.01
CA THR B 206 -34.00 -13.02 14.01
C THR B 206 -35.02 -13.19 12.86
N ARG B 207 -35.94 -12.23 12.65
CA ARG B 207 -36.98 -12.34 11.60
C ARG B 207 -36.35 -12.59 10.22
N PRO B 208 -37.03 -13.34 9.33
CA PRO B 208 -38.36 -13.97 9.48
C PRO B 208 -38.32 -15.41 10.03
N PRO B 209 -39.47 -15.97 10.46
CA PRO B 209 -39.47 -17.33 10.99
C PRO B 209 -38.96 -18.40 10.02
N SER B 210 -39.19 -18.22 8.72
CA SER B 210 -38.74 -19.16 7.70
C SER B 210 -37.98 -18.33 6.67
N TRP B 211 -36.87 -18.86 6.18
CA TRP B 211 -36.03 -18.13 5.25
C TRP B 211 -35.20 -19.10 4.39
N ARG B 212 -35.46 -19.13 3.09
CA ARG B 212 -34.85 -20.06 2.14
C ARG B 212 -35.00 -21.50 2.58
N GLY B 213 -36.17 -21.85 3.14
CA GLY B 213 -36.48 -23.21 3.61
C GLY B 213 -35.94 -23.53 5.00
N LEU B 214 -35.23 -22.58 5.63
CA LEU B 214 -34.62 -22.81 6.95
C LEU B 214 -35.45 -22.08 7.99
N ASP B 215 -35.94 -22.82 8.99
CA ASP B 215 -36.78 -22.31 10.04
C ASP B 215 -36.06 -22.05 11.32
N VAL B 216 -36.50 -21.01 12.04
CA VAL B 216 -35.99 -20.70 13.37
C VAL B 216 -36.49 -21.83 14.31
N PRO B 217 -35.60 -22.39 15.15
CA PRO B 217 -36.05 -23.42 16.10
C PRO B 217 -37.27 -22.97 16.94
N GLU B 218 -38.32 -23.77 16.90
CA GLU B 218 -39.59 -23.45 17.53
C GLU B 218 -39.50 -23.04 19.00
N ILE B 219 -38.55 -23.62 19.75
CA ILE B 219 -38.33 -23.26 21.16
C ILE B 219 -38.12 -21.76 21.33
N LEU B 220 -37.39 -21.14 20.39
CA LEU B 220 -37.13 -19.70 20.47
C LEU B 220 -38.39 -18.82 20.30
N LEU B 221 -39.48 -19.39 19.79
CA LEU B 221 -40.73 -18.64 19.63
C LEU B 221 -41.75 -18.94 20.77
N SER B 222 -41.37 -19.75 21.79
CA SER B 222 -42.24 -20.18 22.88
C SER B 222 -42.53 -19.16 23.98
N GLY B 223 -41.57 -18.28 24.27
CA GLY B 223 -41.73 -17.36 25.40
C GLY B 223 -41.45 -18.00 26.76
N ASP B 224 -40.98 -19.26 26.76
CA ASP B 224 -40.61 -19.99 27.97
C ASP B 224 -39.13 -19.75 28.22
N HIS B 225 -38.82 -18.73 29.03
CA HIS B 225 -37.45 -18.33 29.30
C HIS B 225 -36.55 -19.42 29.91
N ALA B 226 -37.08 -20.25 30.86
CA ALA B 226 -36.24 -21.30 31.44
C ALA B 226 -35.94 -22.41 30.40
N ARG B 227 -36.96 -22.86 29.64
CA ARG B 227 -36.73 -23.89 28.63
C ARG B 227 -35.85 -23.40 27.49
N ILE B 228 -35.95 -22.10 27.13
CA ILE B 228 -35.06 -21.52 26.11
C ILE B 228 -33.62 -21.56 26.61
N ALA B 229 -33.42 -21.19 27.89
CA ALA B 229 -32.09 -21.19 28.52
C ALA B 229 -31.46 -22.58 28.49
N THR B 230 -32.27 -23.62 28.79
CA THR B 230 -31.84 -25.01 28.78
C THR B 230 -31.44 -25.45 27.38
N TRP B 231 -32.27 -25.13 26.37
CA TRP B 231 -31.97 -25.49 24.96
C TRP B 231 -30.69 -24.80 24.52
N ARG B 232 -30.51 -23.53 24.91
CA ARG B 232 -29.30 -22.80 24.55
C ARG B 232 -28.04 -23.44 25.13
N ARG B 233 -28.11 -23.95 26.38
CA ARG B 233 -26.94 -24.61 26.99
C ARG B 233 -26.63 -25.92 26.26
N GLU B 234 -27.67 -26.69 25.90
CA GLU B 234 -27.52 -27.97 25.19
C GLU B 234 -26.90 -27.80 23.79
N VAL B 235 -27.32 -26.79 23.03
CA VAL B 235 -26.77 -26.57 21.69
C VAL B 235 -25.33 -26.08 21.76
N SER B 236 -24.99 -25.29 22.80
CA SER B 236 -23.64 -24.78 23.04
C SER B 236 -22.72 -25.94 23.35
N LEU B 237 -23.18 -26.90 24.18
CA LEU B 237 -22.43 -28.09 24.56
C LEU B 237 -22.12 -28.94 23.31
N ARG B 238 -23.15 -29.20 22.49
CA ARG B 238 -23.03 -29.97 21.25
C ARG B 238 -22.08 -29.29 20.26
N ARG B 239 -22.17 -27.95 20.15
CA ARG B 239 -21.31 -27.16 19.27
C ARG B 239 -19.86 -27.18 19.80
N THR B 240 -19.67 -27.08 21.11
CA THR B 240 -18.34 -27.09 21.71
C THR B 240 -17.65 -28.45 21.53
N ARG B 241 -18.38 -29.55 21.69
CA ARG B 241 -17.78 -30.89 21.52
C ARG B 241 -17.41 -31.17 20.06
N GLU B 242 -18.17 -30.61 19.12
CA GLU B 242 -17.96 -30.78 17.69
C GLU B 242 -16.80 -29.91 17.18
N ARG B 243 -16.78 -28.63 17.55
CA ARG B 243 -15.79 -27.69 17.05
C ARG B 243 -14.51 -27.59 17.87
N ARG B 244 -14.62 -27.76 19.19
CA ARG B 244 -13.49 -27.64 20.10
C ARG B 244 -13.43 -28.81 21.08
N PRO B 245 -13.01 -30.01 20.63
CA PRO B 245 -12.90 -31.14 21.57
C PRO B 245 -11.81 -30.95 22.64
N ASP B 246 -10.87 -30.01 22.44
CA ASP B 246 -9.82 -29.72 23.42
C ASP B 246 -10.42 -29.13 24.70
N LEU B 247 -11.45 -28.28 24.56
CA LEU B 247 -12.15 -27.65 25.69
C LEU B 247 -13.29 -26.75 25.19
N MET C 22 14.33 -3.95 0.05
CA MET C 22 14.85 -2.80 -0.68
C MET C 22 14.64 -1.47 0.04
N LYS C 23 15.65 -0.60 0.01
CA LYS C 23 15.52 0.74 0.54
C LYS C 23 15.55 1.73 -0.66
N ILE C 24 14.60 2.67 -0.72
CA ILE C 24 14.55 3.67 -1.79
C ILE C 24 14.54 5.02 -1.14
N ASP C 25 15.51 5.87 -1.49
CA ASP C 25 15.61 7.23 -0.97
C ASP C 25 15.48 8.16 -2.12
N VAL C 26 14.71 9.24 -1.94
CA VAL C 26 14.59 10.26 -2.99
C VAL C 26 15.05 11.58 -2.39
N VAL C 27 15.94 12.29 -3.06
CA VAL C 27 16.48 13.55 -2.56
C VAL C 27 16.05 14.65 -3.47
N THR C 28 15.36 15.65 -2.94
CA THR C 28 14.72 16.69 -3.74
C THR C 28 14.50 17.98 -2.96
N ILE C 29 14.38 19.11 -3.65
CA ILE C 29 13.94 20.34 -3.01
C ILE C 29 12.39 20.45 -2.98
N PHE C 30 11.67 19.49 -3.58
CA PHE C 30 10.20 19.46 -3.57
C PHE C 30 9.68 18.10 -3.03
N PRO C 31 9.86 17.83 -1.71
CA PRO C 31 9.38 16.55 -1.16
C PRO C 31 7.90 16.22 -1.43
N ALA C 32 7.03 17.25 -1.49
CA ALA C 32 5.60 17.04 -1.75
C ALA C 32 5.30 16.39 -3.11
N TYR C 33 6.17 16.60 -4.11
CA TYR C 33 5.97 15.95 -5.42
C TYR C 33 6.10 14.42 -5.34
N LEU C 34 6.67 13.89 -4.24
CA LEU C 34 6.83 12.45 -4.08
C LEU C 34 5.71 11.81 -3.28
N ASP C 35 4.77 12.61 -2.73
CA ASP C 35 3.57 12.14 -2.00
C ASP C 35 2.76 11.08 -2.75
N PRO C 36 2.57 11.14 -4.09
CA PRO C 36 1.81 10.04 -4.76
C PRO C 36 2.38 8.64 -4.46
N LEU C 37 3.69 8.54 -4.17
CA LEU C 37 4.28 7.25 -3.80
C LEU C 37 3.91 6.93 -2.35
N VAL C 51 9.86 -2.98 0.85
CA VAL C 51 10.44 -1.69 0.47
C VAL C 51 10.20 -0.58 1.51
N ASP C 52 11.27 0.09 1.91
CA ASP C 52 11.26 1.21 2.83
C ASP C 52 11.54 2.43 1.88
N LEU C 53 10.59 3.37 1.77
CA LEU C 53 10.72 4.53 0.90
C LEU C 53 10.81 5.77 1.76
N GLN C 54 11.85 6.59 1.52
CA GLN C 54 12.03 7.79 2.29
C GLN C 54 12.30 8.97 1.35
N VAL C 55 11.74 10.14 1.67
CA VAL C 55 11.94 11.32 0.84
C VAL C 55 12.69 12.34 1.69
N HIS C 56 13.81 12.89 1.19
CA HIS C 56 14.68 13.80 1.92
C HIS C 56 14.71 15.16 1.22
N ASP C 57 14.60 16.20 1.99
CA ASP C 57 14.68 17.56 1.48
C ASP C 57 16.16 17.92 1.38
N LEU C 58 16.64 18.22 0.19
CA LEU C 58 18.04 18.58 -0.01
C LEU C 58 18.46 19.79 0.86
N ARG C 59 17.50 20.72 1.14
CA ARG C 59 17.82 21.89 1.97
C ARG C 59 18.34 21.55 3.37
N ARG C 60 18.10 20.33 3.87
CA ARG C 60 18.67 19.91 5.16
C ARG C 60 20.21 19.93 5.18
N TRP C 61 20.85 19.85 3.99
CA TRP C 61 22.30 19.87 3.90
C TRP C 61 22.85 21.25 3.47
N THR C 62 22.11 22.32 3.77
CA THR C 62 22.61 23.68 3.49
C THR C 62 22.89 24.31 4.87
N ASP C 64 23.52 27.91 5.23
CA ASP C 64 23.16 29.32 5.13
C ASP C 64 21.69 29.55 5.44
N VAL C 65 21.38 30.80 5.83
CA VAL C 65 20.03 31.23 6.22
C VAL C 65 18.96 30.97 5.16
N HIS C 66 19.28 31.25 3.90
CA HIS C 66 18.31 31.09 2.83
C HIS C 66 18.32 29.71 2.19
N HIS C 67 19.06 28.74 2.77
CA HIS C 67 19.10 27.35 2.29
C HIS C 67 19.32 27.25 0.79
N SER C 68 20.37 27.92 0.31
CA SER C 68 20.71 28.03 -1.10
C SER C 68 21.24 26.70 -1.67
N VAL C 69 20.59 26.17 -2.71
CA VAL C 69 21.05 24.91 -3.31
C VAL C 69 21.63 25.11 -4.72
N ASP C 70 21.54 26.33 -5.29
CA ASP C 70 21.90 26.60 -6.66
C ASP C 70 22.79 27.83 -6.83
N ASP C 71 23.50 27.88 -7.94
CA ASP C 71 24.36 29.00 -8.26
C ASP C 71 24.41 29.20 -9.78
N SER C 72 24.94 30.33 -10.24
CA SER C 72 24.99 30.64 -11.67
C SER C 72 25.87 29.66 -12.43
N PRO C 73 25.46 29.30 -13.66
CA PRO C 73 26.27 28.35 -14.43
C PRO C 73 27.58 28.93 -14.92
N TYR C 74 28.62 28.12 -14.92
CA TYR C 74 29.89 28.52 -15.52
C TYR C 74 29.67 28.49 -17.03
N GLY C 75 30.20 29.49 -17.73
CA GLY C 75 30.05 29.59 -19.17
C GLY C 75 28.84 30.40 -19.62
N GLY C 76 28.03 30.88 -18.66
CA GLY C 76 26.85 31.70 -18.98
C GLY C 76 25.61 30.89 -19.26
N GLY C 79 19.97 30.09 -16.67
CA GLY C 79 19.34 29.38 -15.56
C GLY C 79 20.26 29.31 -14.34
N MET C 80 20.06 28.30 -13.51
CA MET C 80 20.88 28.08 -12.31
C MET C 80 21.24 26.58 -12.26
N VAL C 81 22.35 26.24 -11.61
CA VAL C 81 22.80 24.87 -11.49
C VAL C 81 22.83 24.49 -10.03
N MET C 82 22.40 23.29 -9.67
CA MET C 82 22.53 22.84 -8.26
C MET C 82 23.98 22.57 -7.92
N LYS C 83 24.39 23.10 -6.78
CA LYS C 83 25.76 23.04 -6.28
C LYS C 83 26.20 21.64 -5.90
N ALA C 84 27.38 21.25 -6.34
CA ALA C 84 27.99 19.99 -6.00
C ALA C 84 28.26 19.83 -4.49
N PRO C 85 28.80 20.83 -3.74
CA PRO C 85 29.08 20.61 -2.32
C PRO C 85 27.85 20.17 -1.52
N VAL C 86 26.68 20.77 -1.79
CA VAL C 86 25.46 20.40 -1.07
C VAL C 86 25.10 18.91 -1.37
N TRP C 87 25.07 18.56 -2.68
CA TRP C 87 24.78 17.19 -3.08
C TRP C 87 25.79 16.21 -2.52
N GLY C 88 27.07 16.59 -2.52
CA GLY C 88 28.15 15.74 -1.99
C GLY C 88 27.94 15.40 -0.54
N GLU C 89 27.55 16.40 0.27
CA GLU C 89 27.29 16.16 1.69
C GLU C 89 26.05 15.25 1.89
N ALA C 90 24.99 15.49 1.12
CA ALA C 90 23.79 14.70 1.21
C ALA C 90 24.08 13.24 0.81
N LEU C 91 24.75 13.02 -0.32
CA LEU C 91 25.01 11.66 -0.79
C LEU C 91 26.00 10.93 0.10
N ASP C 92 26.96 11.65 0.69
CA ASP C 92 27.90 11.00 1.64
C ASP C 92 27.13 10.49 2.86
N GLU C 93 26.08 11.24 3.31
CA GLU C 93 25.36 10.78 4.48
C GLU C 93 24.44 9.59 4.17
N ILE C 94 23.78 9.65 3.00
CA ILE C 94 22.79 8.62 2.65
C ILE C 94 23.40 7.35 2.03
N CYS C 95 24.36 7.51 1.10
CA CYS C 95 24.86 6.40 0.29
C CYS C 95 26.00 5.60 0.91
N SER C 96 26.10 4.34 0.51
CA SER C 96 27.18 3.44 0.86
C SER C 96 27.68 2.78 -0.45
N ALA C 97 28.73 1.91 -0.35
CA ALA C 97 29.26 1.16 -1.49
C ALA C 97 28.21 0.28 -2.21
N GLU C 98 27.14 -0.16 -1.53
CA GLU C 98 26.01 -0.95 -2.06
C GLU C 98 24.94 -0.11 -2.78
N THR C 99 25.00 1.21 -2.68
CA THR C 99 23.98 2.07 -3.32
C THR C 99 24.08 2.10 -4.83
N LEU C 100 22.93 2.15 -5.51
CA LEU C 100 22.87 2.42 -6.93
C LEU C 100 22.23 3.85 -6.95
N LEU C 101 23.02 4.85 -7.33
CA LEU C 101 22.56 6.21 -7.43
C LEU C 101 21.97 6.44 -8.83
N VAL C 102 20.69 6.81 -8.88
CA VAL C 102 20.01 7.16 -10.10
C VAL C 102 19.84 8.67 -10.19
N VAL C 103 20.36 9.25 -11.27
CA VAL C 103 20.24 10.66 -11.53
C VAL C 103 19.30 10.88 -12.72
N PRO C 104 18.03 11.19 -12.49
CA PRO C 104 17.11 11.42 -13.63
C PRO C 104 17.53 12.65 -14.43
N THR C 105 17.78 12.51 -15.73
CA THR C 105 18.22 13.63 -16.58
C THR C 105 17.89 13.30 -18.03
N PRO C 106 17.40 14.31 -18.79
CA PRO C 106 17.11 14.10 -20.24
C PRO C 106 18.33 13.61 -21.01
N ALA C 107 19.56 13.85 -20.49
CA ALA C 107 20.76 13.39 -21.14
C ALA C 107 21.20 11.97 -20.77
N GLY C 108 20.39 11.27 -19.97
CA GLY C 108 20.76 9.94 -19.55
C GLY C 108 20.41 8.86 -20.54
N SER C 109 20.79 7.63 -20.22
CA SER C 109 20.39 6.47 -21.03
C SER C 109 18.86 6.28 -20.85
N LEU C 110 18.18 5.75 -21.86
CA LEU C 110 16.74 5.57 -21.73
C LEU C 110 16.34 4.53 -20.70
N PHE C 111 15.36 4.86 -19.87
CA PHE C 111 14.76 3.91 -18.94
C PHE C 111 13.88 2.96 -19.79
N ASP C 112 13.90 1.68 -19.45
CA ASP C 112 13.08 0.69 -20.13
C ASP C 112 12.68 -0.40 -19.12
N GLN C 113 11.83 -1.33 -19.54
CA GLN C 113 11.39 -2.41 -18.67
C GLN C 113 12.55 -3.31 -18.19
N ALA C 114 13.58 -3.53 -19.02
CA ALA C 114 14.75 -4.31 -18.59
C ALA C 114 15.46 -3.61 -17.43
N THR C 115 15.51 -2.25 -17.43
CA THR C 115 16.15 -1.49 -16.37
C THR C 115 15.34 -1.62 -15.08
N ALA C 116 13.99 -1.51 -15.15
CA ALA C 116 13.10 -1.68 -13.98
C ALA C 116 13.31 -3.07 -13.36
N ARG C 117 13.37 -4.12 -14.19
CA ARG C 117 13.59 -5.48 -13.68
C ARG C 117 14.98 -5.60 -13.01
N ARG C 118 16.01 -5.00 -13.64
CA ARG C 118 17.37 -5.08 -13.08
C ARG C 118 17.39 -4.31 -11.72
N TRP C 119 16.72 -3.13 -11.66
CA TRP C 119 16.69 -2.36 -10.39
C TRP C 119 15.86 -2.98 -9.28
N SER C 120 14.83 -3.76 -9.63
CA SER C 120 13.99 -4.45 -8.64
C SER C 120 14.79 -5.44 -7.77
N ALA C 121 16.00 -5.85 -8.23
CA ALA C 121 16.87 -6.72 -7.46
C ALA C 121 17.90 -5.94 -6.61
N GLU C 122 17.84 -4.60 -6.59
CA GLU C 122 18.80 -3.81 -5.82
C GLU C 122 18.39 -3.67 -4.35
N GLN C 123 19.37 -3.55 -3.43
CA GLN C 123 19.04 -3.36 -2.02
C GLN C 123 18.88 -1.86 -1.68
N HIS C 124 19.52 -0.94 -2.44
CA HIS C 124 19.43 0.48 -2.14
C HIS C 124 19.48 1.36 -3.38
N LEU C 125 18.31 1.94 -3.72
CA LEU C 125 18.21 2.89 -4.82
C LEU C 125 18.17 4.30 -4.23
N VAL C 126 18.99 5.22 -4.78
CA VAL C 126 18.88 6.61 -4.34
C VAL C 126 18.60 7.44 -5.59
N PHE C 127 17.55 8.28 -5.60
CA PHE C 127 17.24 9.15 -6.73
C PHE C 127 17.60 10.56 -6.38
N ALA C 128 18.55 11.12 -7.09
CA ALA C 128 19.01 12.51 -6.89
C ALA C 128 18.25 13.37 -7.90
N CYS C 129 17.19 14.02 -7.44
CA CYS C 129 16.33 14.84 -8.31
C CYS C 129 16.86 16.22 -8.45
N GLY C 130 17.12 16.59 -9.68
CA GLY C 130 17.60 17.91 -9.99
C GLY C 130 16.50 18.84 -10.44
N ARG C 131 16.78 20.13 -10.39
CA ARG C 131 15.91 21.20 -10.83
C ARG C 131 16.81 22.20 -11.62
N TYR C 132 16.17 23.16 -12.32
CA TYR C 132 16.85 24.25 -13.02
C TYR C 132 17.66 23.66 -14.20
N GLU C 133 18.94 24.09 -14.43
CA GLU C 133 19.75 23.46 -15.48
C GLU C 133 20.14 21.99 -15.12
N GLY C 134 19.91 21.58 -13.88
CA GLY C 134 20.22 20.25 -13.39
C GLY C 134 21.32 20.31 -12.33
N ILE C 135 21.88 19.16 -12.02
CA ILE C 135 22.91 19.07 -10.99
C ILE C 135 24.27 19.25 -11.64
N ASP C 136 25.22 19.87 -10.92
CA ASP C 136 26.62 19.96 -11.39
C ASP C 136 27.12 18.55 -11.81
N GLN C 137 27.61 18.43 -13.03
CA GLN C 137 28.07 17.14 -13.57
C GLN C 137 29.02 16.33 -12.68
N ARG C 138 29.86 17.03 -11.90
CA ARG C 138 30.83 16.36 -11.03
C ARG C 138 30.22 15.55 -9.89
N VAL C 139 28.94 15.82 -9.56
CA VAL C 139 28.25 15.02 -8.56
C VAL C 139 28.20 13.57 -8.97
N ALA C 140 27.72 13.27 -10.21
CA ALA C 140 27.66 11.88 -10.68
C ALA C 140 29.04 11.24 -10.80
N GLU C 141 30.03 11.99 -11.27
CA GLU C 141 31.39 11.48 -11.44
C GLU C 141 32.04 11.18 -10.09
N ASP C 142 31.86 12.07 -9.11
CA ASP C 142 32.42 11.86 -7.78
C ASP C 142 31.79 10.65 -7.12
N SER C 143 30.45 10.54 -7.23
CA SER C 143 29.71 9.45 -6.64
C SER C 143 30.19 8.10 -7.16
N ALA C 144 30.47 7.99 -8.47
CA ALA C 144 30.91 6.76 -9.14
C ALA C 144 32.24 6.21 -8.55
N ARG C 145 32.97 7.03 -7.77
CA ARG C 145 34.19 6.53 -7.09
C ARG C 145 33.82 5.61 -5.92
N ARG C 146 32.59 5.75 -5.34
CA ARG C 146 32.28 4.95 -4.16
C ARG C 146 30.96 4.19 -4.19
N MET C 147 30.26 4.23 -5.31
CA MET C 147 29.03 3.50 -5.51
C MET C 147 28.77 3.41 -7.04
N ARG C 148 27.69 2.71 -7.44
CA ARG C 148 27.33 2.65 -8.84
C ARG C 148 26.38 3.83 -9.13
N VAL C 149 26.53 4.48 -10.29
CA VAL C 149 25.73 5.63 -10.70
C VAL C 149 25.17 5.42 -12.10
N GLU C 150 23.90 5.70 -12.27
CA GLU C 150 23.26 5.67 -13.57
C GLU C 150 22.51 6.99 -13.81
N GLU C 151 22.83 7.69 -14.91
CA GLU C 151 22.09 8.87 -15.34
C GLU C 151 21.06 8.31 -16.32
N VAL C 152 19.78 8.55 -16.05
CA VAL C 152 18.71 7.91 -16.80
C VAL C 152 17.67 8.90 -17.25
N SER C 153 17.21 8.76 -18.49
CA SER C 153 16.11 9.57 -19.01
C SER C 153 14.87 8.68 -19.17
N ILE C 154 13.72 9.12 -18.69
CA ILE C 154 12.48 8.35 -18.90
C ILE C 154 11.95 8.48 -20.34
N GLY C 155 12.54 9.38 -21.15
CA GLY C 155 12.10 9.54 -22.54
C GLY C 155 12.61 10.82 -23.16
N ASP C 156 12.43 10.94 -24.47
CA ASP C 156 12.92 12.04 -25.31
C ASP C 156 12.05 13.28 -25.21
N TYR C 157 11.98 13.85 -24.02
CA TYR C 157 11.18 15.03 -23.71
C TYR C 157 11.82 15.72 -22.49
N VAL C 158 11.49 16.97 -22.25
CA VAL C 158 12.10 17.74 -21.17
C VAL C 158 11.14 18.11 -20.07
N LEU C 159 11.52 17.81 -18.83
CA LEU C 159 10.70 18.07 -17.65
C LEU C 159 11.30 19.22 -16.82
N PRO C 160 10.52 19.88 -15.95
CA PRO C 160 11.08 20.98 -15.13
C PRO C 160 12.05 20.47 -14.06
N GLY C 161 11.94 19.20 -13.72
CA GLY C 161 12.84 18.58 -12.76
C GLY C 161 12.80 17.08 -12.82
N GLY C 162 13.59 16.44 -11.96
CA GLY C 162 13.64 14.99 -11.93
C GLY C 162 12.61 14.28 -11.08
N GLU C 163 11.80 15.01 -10.31
CA GLU C 163 10.79 14.35 -9.41
C GLU C 163 9.73 13.49 -10.10
N SER C 164 9.10 14.02 -11.15
CA SER C 164 8.09 13.24 -11.86
C SER C 164 8.69 12.00 -12.51
N ALA C 165 9.95 12.11 -12.99
CA ALA C 165 10.69 11.00 -13.58
C ALA C 165 11.05 9.95 -12.51
N ALA C 166 11.44 10.38 -11.28
CA ALA C 166 11.68 9.44 -10.16
C ALA C 166 10.39 8.70 -9.79
N VAL C 167 9.22 9.41 -9.75
CA VAL C 167 7.94 8.73 -9.48
C VAL C 167 7.67 7.62 -10.52
N VAL C 168 7.89 7.92 -11.81
CA VAL C 168 7.67 6.91 -12.87
C VAL C 168 8.57 5.70 -12.68
N MET C 169 9.89 5.94 -12.49
CA MET C 169 10.85 4.84 -12.32
C MET C 169 10.55 4.00 -11.08
N ILE C 170 10.19 4.64 -9.95
CA ILE C 170 9.90 3.93 -8.73
C ILE C 170 8.64 3.10 -8.90
N GLU C 171 7.59 3.67 -9.55
CA GLU C 171 6.37 2.88 -9.80
C GLU C 171 6.66 1.67 -10.65
N ALA C 172 7.47 1.82 -11.70
CA ALA C 172 7.79 0.67 -12.58
C ALA C 172 8.50 -0.43 -11.78
N VAL C 173 9.37 -0.04 -10.85
CA VAL C 173 10.08 -1.02 -10.02
C VAL C 173 9.18 -1.67 -8.96
N LEU C 174 8.35 -0.85 -8.29
CA LEU C 174 7.46 -1.32 -7.22
C LEU C 174 6.48 -2.38 -7.67
N ARG C 175 5.95 -2.26 -8.91
CA ARG C 175 5.00 -3.29 -9.37
C ARG C 175 5.70 -4.64 -9.68
N LEU C 176 7.04 -4.68 -9.70
CA LEU C 176 7.81 -5.90 -9.94
C LEU C 176 8.26 -6.57 -8.64
N LEU C 177 8.10 -5.92 -7.48
CA LEU C 177 8.55 -6.52 -6.21
C LEU C 177 7.56 -7.56 -5.70
N GLY C 202 -2.60 -6.97 -26.54
CA GLY C 202 -3.76 -6.53 -27.31
C GLY C 202 -4.76 -5.72 -26.51
N PRO C 203 -5.84 -5.28 -27.16
CA PRO C 203 -6.86 -4.48 -26.47
C PRO C 203 -7.71 -5.27 -25.47
N SER C 204 -8.35 -4.54 -24.54
CA SER C 204 -9.17 -5.16 -23.52
C SER C 204 -10.64 -4.78 -23.65
N TYR C 205 -11.54 -5.72 -23.37
CA TYR C 205 -12.97 -5.46 -23.40
C TYR C 205 -13.65 -6.10 -22.20
N THR C 206 -14.74 -5.51 -21.74
CA THR C 206 -15.58 -6.03 -20.68
C THR C 206 -17.07 -5.75 -21.02
N ARG C 207 -18.04 -6.21 -20.18
CA ARG C 207 -19.47 -5.98 -20.42
C ARG C 207 -19.75 -4.47 -20.61
N PRO C 208 -20.73 -4.09 -21.46
CA PRO C 208 -21.66 -4.94 -22.22
C PRO C 208 -21.08 -5.49 -23.54
N PRO C 209 -21.68 -6.55 -24.12
CA PRO C 209 -21.16 -7.08 -25.39
C PRO C 209 -21.21 -6.05 -26.54
N SER C 210 -22.12 -5.07 -26.44
CA SER C 210 -22.27 -4.04 -27.47
C SER C 210 -22.54 -2.73 -26.75
N TRP C 211 -21.88 -1.64 -27.17
CA TRP C 211 -21.99 -0.36 -26.49
C TRP C 211 -21.80 0.75 -27.51
N ARG C 212 -22.81 1.63 -27.64
CA ARG C 212 -22.79 2.72 -28.61
C ARG C 212 -22.49 2.25 -30.04
N GLY C 213 -23.08 1.11 -30.44
CA GLY C 213 -22.87 0.56 -31.77
C GLY C 213 -21.57 -0.19 -31.97
N LEU C 214 -20.78 -0.33 -30.88
CA LEU C 214 -19.48 -1.01 -30.95
C LEU C 214 -19.53 -2.32 -30.22
N ASP C 215 -19.31 -3.40 -30.95
CA ASP C 215 -19.37 -4.73 -30.43
C ASP C 215 -18.01 -5.20 -29.99
N VAL C 216 -17.96 -5.98 -28.89
CA VAL C 216 -16.77 -6.66 -28.44
C VAL C 216 -16.49 -7.71 -29.56
N PRO C 217 -15.27 -7.80 -30.10
CA PRO C 217 -15.00 -8.80 -31.17
C PRO C 217 -15.59 -10.17 -30.83
N GLU C 218 -16.38 -10.75 -31.75
CA GLU C 218 -17.06 -12.04 -31.58
C GLU C 218 -16.09 -13.13 -31.13
N ILE C 219 -14.85 -13.09 -31.63
CA ILE C 219 -13.78 -14.01 -31.29
C ILE C 219 -13.60 -14.10 -29.76
N LEU C 220 -13.62 -12.96 -29.06
CA LEU C 220 -13.45 -12.94 -27.60
C LEU C 220 -14.61 -13.58 -26.84
N LEU C 221 -15.77 -13.70 -27.48
CA LEU C 221 -16.97 -14.31 -26.92
C LEU C 221 -17.14 -15.79 -27.34
N SER C 222 -16.41 -16.23 -28.39
CA SER C 222 -16.46 -17.58 -28.96
C SER C 222 -15.98 -18.69 -28.02
N GLY C 223 -15.15 -18.36 -27.04
CA GLY C 223 -14.61 -19.37 -26.13
C GLY C 223 -13.51 -20.24 -26.73
N ASP C 224 -13.16 -20.00 -28.01
CA ASP C 224 -12.13 -20.73 -28.77
C ASP C 224 -10.74 -20.17 -28.41
N HIS C 225 -10.05 -20.85 -27.46
CA HIS C 225 -8.72 -20.46 -26.95
C HIS C 225 -7.63 -20.37 -28.01
N ALA C 226 -7.63 -21.28 -28.99
CA ALA C 226 -6.59 -21.24 -30.04
C ALA C 226 -6.80 -19.96 -30.88
N ARG C 227 -8.07 -19.68 -31.25
CA ARG C 227 -8.41 -18.54 -32.07
C ARG C 227 -8.15 -17.25 -31.30
N ILE C 228 -8.49 -17.21 -30.00
CA ILE C 228 -8.33 -16.03 -29.16
C ILE C 228 -6.87 -15.63 -29.01
N ALA C 229 -5.99 -16.59 -28.68
CA ALA C 229 -4.57 -16.32 -28.49
C ALA C 229 -3.91 -15.77 -29.75
N THR C 230 -4.22 -16.35 -30.93
CA THR C 230 -3.62 -15.87 -32.18
C THR C 230 -4.17 -14.49 -32.56
N TRP C 231 -5.47 -14.26 -32.29
CA TRP C 231 -6.11 -12.97 -32.55
C TRP C 231 -5.44 -11.91 -31.67
N ARG C 232 -5.20 -12.21 -30.39
CA ARG C 232 -4.53 -11.29 -29.46
C ARG C 232 -3.13 -10.93 -29.97
N ARG C 233 -2.38 -11.93 -30.49
CA ARG C 233 -1.05 -11.68 -31.00
C ARG C 233 -1.08 -10.90 -32.33
N GLU C 234 -2.04 -11.20 -33.20
CA GLU C 234 -2.17 -10.53 -34.51
C GLU C 234 -2.51 -9.06 -34.35
N VAL C 235 -3.51 -8.75 -33.50
CA VAL C 235 -3.90 -7.35 -33.30
C VAL C 235 -2.81 -6.58 -32.53
N SER C 236 -2.06 -7.26 -31.64
CA SER C 236 -0.98 -6.64 -30.86
C SER C 236 0.16 -6.19 -31.81
N LEU C 237 0.57 -7.06 -32.74
CA LEU C 237 1.58 -6.72 -33.74
C LEU C 237 1.05 -5.65 -34.72
N ARG C 238 -0.23 -5.73 -35.13
CA ARG C 238 -0.79 -4.72 -36.05
C ARG C 238 -0.82 -3.33 -35.40
N ARG C 239 -1.16 -3.27 -34.10
CA ARG C 239 -1.18 -2.02 -33.35
C ARG C 239 0.24 -1.47 -33.23
N THR C 240 1.23 -2.35 -33.00
CA THR C 240 2.63 -1.90 -32.93
C THR C 240 3.06 -1.34 -34.28
N ARG C 241 2.69 -2.03 -35.37
CA ARG C 241 3.04 -1.56 -36.71
C ARG C 241 2.39 -0.21 -37.03
N GLU C 242 1.18 0.04 -36.54
CA GLU C 242 0.48 1.31 -36.82
C GLU C 242 0.92 2.46 -35.91
N ARG C 243 1.09 2.21 -34.62
CA ARG C 243 1.44 3.23 -33.62
C ARG C 243 2.91 3.43 -33.38
N ARG C 244 3.73 2.44 -33.72
CA ARG C 244 5.16 2.53 -33.48
C ARG C 244 5.99 2.44 -34.76
N PRO C 245 5.87 3.45 -35.66
CA PRO C 245 6.72 3.44 -36.87
C PRO C 245 8.21 3.49 -36.51
N ASP C 246 8.54 4.09 -35.35
CA ASP C 246 9.90 4.16 -34.82
C ASP C 246 10.50 2.75 -34.56
N LEU C 247 9.67 1.68 -34.52
CA LEU C 247 10.16 0.33 -34.26
C LEU C 247 10.37 -0.54 -35.51
N ALA C 248 10.03 -0.03 -36.70
CA ALA C 248 10.27 -0.77 -37.94
C ALA C 248 10.88 0.15 -39.00
N SER D 21 -6.16 30.45 -23.81
CA SER D 21 -6.03 29.84 -22.48
C SER D 21 -6.23 28.34 -22.54
N MET D 22 -5.46 27.56 -21.77
CA MET D 22 -5.55 26.11 -21.82
C MET D 22 -6.28 25.49 -20.67
N LYS D 23 -7.16 24.56 -20.99
CA LYS D 23 -7.88 23.81 -19.98
C LYS D 23 -7.33 22.38 -19.98
N ILE D 24 -6.97 21.86 -18.81
CA ILE D 24 -6.48 20.50 -18.67
C ILE D 24 -7.36 19.77 -17.65
N ASP D 25 -7.96 18.67 -18.05
CA ASP D 25 -8.80 17.89 -17.14
C ASP D 25 -8.17 16.52 -17.02
N VAL D 26 -8.03 16.02 -15.78
CA VAL D 26 -7.48 14.68 -15.59
C VAL D 26 -8.58 13.86 -14.95
N VAL D 27 -8.92 12.71 -15.54
CA VAL D 27 -9.98 11.86 -15.01
C VAL D 27 -9.36 10.62 -14.47
N THR D 28 -9.65 10.31 -13.20
CA THR D 28 -8.97 9.21 -12.52
C THR D 28 -9.82 8.64 -11.37
N ILE D 29 -9.53 7.41 -10.91
CA ILE D 29 -10.11 6.90 -9.67
C ILE D 29 -9.18 7.23 -8.46
N PHE D 30 -8.02 7.90 -8.69
CA PHE D 30 -7.08 8.29 -7.65
C PHE D 30 -6.82 9.80 -7.73
N PRO D 31 -7.85 10.64 -7.52
CA PRO D 31 -7.64 12.09 -7.64
C PRO D 31 -6.53 12.65 -6.75
N ALA D 32 -6.36 12.08 -5.56
CA ALA D 32 -5.33 12.56 -4.64
C ALA D 32 -3.90 12.39 -5.19
N TYR D 33 -3.72 11.55 -6.21
CA TYR D 33 -2.46 11.38 -6.91
C TYR D 33 -2.03 12.72 -7.55
N LEU D 34 -2.99 13.48 -8.08
CA LEU D 34 -2.70 14.74 -8.77
C LEU D 34 -2.61 15.95 -7.84
N ASP D 35 -2.91 15.78 -6.53
CA ASP D 35 -2.91 16.86 -5.55
C ASP D 35 -1.62 17.65 -5.54
N PRO D 36 -0.42 17.04 -5.54
CA PRO D 36 0.80 17.85 -5.56
C PRO D 36 0.95 18.71 -6.81
N LEU D 37 0.63 18.16 -7.98
CA LEU D 37 0.72 18.92 -9.24
C LEU D 37 -0.23 20.11 -9.21
N ARG D 38 -1.48 19.88 -8.80
CA ARG D 38 -2.51 20.90 -8.76
C ARG D 38 -2.16 21.99 -7.74
N GLN D 39 -1.66 21.58 -6.57
CA GLN D 39 -1.27 22.52 -5.54
C GLN D 39 0.01 23.30 -5.87
N SER D 40 0.75 22.93 -6.92
CA SER D 40 1.97 23.65 -7.29
C SER D 40 1.83 24.56 -8.53
N LEU D 41 0.62 24.70 -9.09
CA LEU D 41 0.44 25.53 -10.28
C LEU D 41 0.50 27.06 -10.03
N PRO D 42 -0.22 27.62 -9.03
CA PRO D 42 -0.14 29.08 -8.82
C PRO D 42 1.27 29.63 -8.60
N GLY D 43 2.16 28.79 -8.08
CA GLY D 43 3.54 29.18 -7.79
C GLY D 43 4.54 29.04 -8.94
N ARG D 44 4.12 28.40 -10.05
CA ARG D 44 5.03 28.24 -11.19
C ARG D 44 5.18 29.56 -12.00
N ALA D 45 6.21 29.65 -12.85
CA ALA D 45 6.39 30.85 -13.68
C ALA D 45 5.52 30.77 -14.95
N ILE D 46 4.25 30.43 -14.79
CA ILE D 46 3.30 30.36 -15.90
C ILE D 46 2.30 31.49 -15.68
N ALA D 47 1.95 32.21 -16.74
CA ALA D 47 0.94 33.27 -16.70
C ALA D 47 -0.37 32.75 -16.09
N SER D 48 -0.86 33.45 -15.07
CA SER D 48 -2.07 33.15 -14.31
C SER D 48 -3.26 33.00 -15.26
N GLY D 49 -4.07 31.99 -15.02
CA GLY D 49 -5.24 31.76 -15.86
C GLY D 49 -4.93 31.15 -17.22
N LEU D 50 -3.63 31.09 -17.59
CA LEU D 50 -3.21 30.46 -18.85
C LEU D 50 -3.38 28.93 -18.82
N VAL D 51 -3.51 28.34 -17.62
CA VAL D 51 -3.77 26.92 -17.43
C VAL D 51 -4.83 26.81 -16.36
N ASP D 52 -5.90 26.13 -16.67
CA ASP D 52 -6.93 25.82 -15.69
C ASP D 52 -6.90 24.30 -15.62
N LEU D 53 -6.30 23.76 -14.57
CA LEU D 53 -6.16 22.32 -14.39
C LEU D 53 -7.22 21.86 -13.40
N GLN D 54 -8.03 20.88 -13.79
CA GLN D 54 -9.03 20.29 -12.91
C GLN D 54 -8.88 18.76 -12.85
N VAL D 55 -9.07 18.20 -11.67
CA VAL D 55 -8.98 16.75 -11.50
C VAL D 55 -10.37 16.22 -11.14
N HIS D 56 -10.79 15.15 -11.82
CA HIS D 56 -12.11 14.61 -11.67
C HIS D 56 -12.08 13.18 -11.22
N ASP D 57 -12.79 12.87 -10.13
CA ASP D 57 -12.91 11.49 -9.67
C ASP D 57 -13.90 10.79 -10.64
N LEU D 58 -13.46 9.74 -11.37
CA LEU D 58 -14.27 8.95 -12.31
C LEU D 58 -15.52 8.36 -11.63
N ARG D 59 -15.41 8.02 -10.34
CA ARG D 59 -16.56 7.45 -9.62
C ARG D 59 -17.78 8.39 -9.57
N ARG D 60 -17.59 9.69 -9.84
CA ARG D 60 -18.72 10.65 -9.94
C ARG D 60 -19.76 10.17 -10.99
N TRP D 61 -19.32 9.42 -12.00
CA TRP D 61 -20.18 9.02 -13.11
C TRP D 61 -20.67 7.58 -13.08
N THR D 62 -20.51 6.89 -11.95
CA THR D 62 -21.01 5.53 -11.82
C THR D 62 -22.50 5.58 -11.56
N TYR D 63 -23.23 4.58 -12.05
CA TYR D 63 -24.67 4.52 -11.88
C TYR D 63 -25.12 3.73 -10.64
N ASP D 64 -24.21 3.44 -9.71
CA ASP D 64 -24.58 2.61 -8.55
C ASP D 64 -23.94 3.05 -7.21
N VAL D 65 -24.48 2.49 -6.10
CA VAL D 65 -24.10 2.74 -4.72
C VAL D 65 -22.67 2.33 -4.41
N HIS D 66 -22.17 1.27 -5.06
CA HIS D 66 -20.79 0.82 -4.84
C HIS D 66 -19.76 1.57 -5.69
N HIS D 67 -20.20 2.45 -6.62
CA HIS D 67 -19.29 3.19 -7.51
C HIS D 67 -18.39 2.23 -8.28
N SER D 68 -18.99 1.20 -8.89
CA SER D 68 -18.25 0.19 -9.64
C SER D 68 -17.73 0.73 -10.98
N VAL D 69 -16.42 0.64 -11.21
CA VAL D 69 -15.83 1.15 -12.46
C VAL D 69 -15.17 0.06 -13.32
N ASP D 70 -15.05 -1.19 -12.82
CA ASP D 70 -14.35 -2.22 -13.57
C ASP D 70 -15.07 -3.59 -13.57
N ASP D 71 -14.66 -4.50 -14.49
CA ASP D 71 -15.23 -5.84 -14.61
C ASP D 71 -14.25 -6.83 -15.27
N SER D 72 -14.56 -8.13 -15.28
CA SER D 72 -13.69 -9.18 -15.83
C SER D 72 -13.53 -9.09 -17.34
N PRO D 73 -12.31 -9.37 -17.85
CA PRO D 73 -12.11 -9.27 -19.30
C PRO D 73 -12.81 -10.37 -20.12
N TYR D 74 -13.28 -10.01 -21.30
CA TYR D 74 -13.86 -10.97 -22.23
C TYR D 74 -12.72 -11.78 -22.83
N GLY D 75 -12.95 -13.07 -23.01
CA GLY D 75 -11.96 -13.95 -23.58
C GLY D 75 -10.96 -14.51 -22.59
N GLY D 76 -11.22 -14.33 -21.31
CA GLY D 76 -10.32 -14.81 -20.27
C GLY D 76 -9.09 -13.91 -20.10
N GLY D 77 -8.31 -14.22 -19.08
CA GLY D 77 -7.10 -13.45 -18.76
C GLY D 77 -7.05 -13.02 -17.31
N GLY D 79 -6.93 -10.01 -15.14
CA GLY D 79 -7.29 -9.06 -14.09
C GLY D 79 -8.66 -8.43 -14.30
N MET D 80 -8.72 -7.10 -14.33
CA MET D 80 -9.98 -6.39 -14.54
C MET D 80 -9.77 -5.27 -15.55
N VAL D 81 -10.84 -4.91 -16.24
CA VAL D 81 -10.82 -3.86 -17.25
C VAL D 81 -11.81 -2.79 -16.83
N MET D 82 -11.44 -1.52 -17.00
CA MET D 82 -12.37 -0.43 -16.71
C MET D 82 -13.52 -0.41 -17.72
N LYS D 83 -14.74 -0.25 -17.23
CA LYS D 83 -15.97 -0.26 -18.02
C LYS D 83 -16.17 0.96 -18.93
N ALA D 84 -16.61 0.70 -20.16
CA ALA D 84 -16.84 1.77 -21.12
C ALA D 84 -17.99 2.70 -20.70
N PRO D 85 -19.15 2.20 -20.18
CA PRO D 85 -20.26 3.11 -19.83
C PRO D 85 -19.89 4.26 -18.90
N VAL D 86 -19.15 3.99 -17.82
CA VAL D 86 -18.77 5.04 -16.88
C VAL D 86 -17.88 6.10 -17.58
N TRP D 87 -16.93 5.62 -18.37
CA TRP D 87 -16.06 6.53 -19.11
C TRP D 87 -16.85 7.36 -20.13
N GLY D 88 -17.80 6.74 -20.82
CA GLY D 88 -18.64 7.43 -21.80
C GLY D 88 -19.41 8.57 -21.15
N GLU D 89 -19.89 8.36 -19.93
CA GLU D 89 -20.63 9.41 -19.20
C GLU D 89 -19.71 10.57 -18.78
N ALA D 90 -18.53 10.24 -18.27
CA ALA D 90 -17.56 11.24 -17.85
C ALA D 90 -17.11 12.08 -19.06
N LEU D 91 -16.73 11.43 -20.16
CA LEU D 91 -16.21 12.10 -21.36
C LEU D 91 -17.31 12.88 -22.07
N ASP D 92 -18.57 12.37 -22.06
CA ASP D 92 -19.71 13.13 -22.62
C ASP D 92 -19.84 14.47 -21.90
N GLU D 93 -19.61 14.49 -20.58
CA GLU D 93 -19.71 15.73 -19.80
C GLU D 93 -18.52 16.67 -20.01
N ILE D 94 -17.32 16.13 -19.98
CA ILE D 94 -16.10 16.93 -19.98
C ILE D 94 -15.64 17.41 -21.35
N CYS D 95 -15.76 16.54 -22.36
CA CYS D 95 -15.20 16.83 -23.67
C CYS D 95 -16.12 17.57 -24.62
N SER D 96 -15.52 18.22 -25.63
CA SER D 96 -16.23 18.81 -26.76
C SER D 96 -15.43 18.47 -28.05
N ALA D 97 -15.93 18.89 -29.22
CA ALA D 97 -15.24 18.62 -30.48
C ALA D 97 -13.77 19.10 -30.54
N GLU D 98 -13.42 20.18 -29.83
CA GLU D 98 -12.04 20.72 -29.86
C GLU D 98 -11.05 19.95 -28.90
N THR D 99 -11.59 19.11 -28.03
CA THR D 99 -10.78 18.42 -27.04
C THR D 99 -9.80 17.42 -27.65
N LEU D 100 -8.58 17.33 -27.11
CA LEU D 100 -7.64 16.29 -27.49
C LEU D 100 -7.58 15.38 -26.26
N LEU D 101 -8.19 14.20 -26.40
CA LEU D 101 -8.23 13.20 -25.34
C LEU D 101 -6.94 12.37 -25.38
N VAL D 102 -6.19 12.41 -24.32
CA VAL D 102 -4.97 11.63 -24.19
C VAL D 102 -5.25 10.40 -23.31
N VAL D 103 -4.91 9.23 -23.81
CA VAL D 103 -5.12 8.01 -23.07
C VAL D 103 -3.72 7.42 -22.77
N PRO D 104 -3.14 7.64 -21.57
CA PRO D 104 -1.82 7.03 -21.29
C PRO D 104 -1.95 5.51 -21.32
N THR D 105 -1.13 4.86 -22.12
CA THR D 105 -1.11 3.40 -22.21
C THR D 105 0.26 2.96 -22.69
N PRO D 106 0.76 1.79 -22.24
CA PRO D 106 2.02 1.27 -22.82
C PRO D 106 1.88 0.88 -24.31
N ALA D 107 0.64 0.68 -24.81
CA ALA D 107 0.44 0.38 -26.23
C ALA D 107 0.38 1.61 -27.14
N GLY D 108 0.57 2.82 -26.59
CA GLY D 108 0.44 4.03 -27.38
C GLY D 108 1.66 4.41 -28.19
N SER D 109 1.51 5.49 -28.96
CA SER D 109 2.65 6.05 -29.69
C SER D 109 3.54 6.75 -28.62
N LEU D 110 4.87 6.76 -28.83
CA LEU D 110 5.77 7.38 -27.87
C LEU D 110 5.56 8.85 -27.71
N PHE D 111 5.50 9.30 -26.47
CA PHE D 111 5.45 10.73 -26.19
C PHE D 111 6.89 11.26 -26.47
N ASP D 112 6.97 12.47 -27.01
CA ASP D 112 8.29 13.07 -27.30
C ASP D 112 8.19 14.60 -27.24
N GLN D 113 9.32 15.32 -27.36
CA GLN D 113 9.30 16.79 -27.23
C GLN D 113 8.42 17.43 -28.32
N ALA D 114 8.44 16.91 -29.56
CA ALA D 114 7.60 17.40 -30.63
C ALA D 114 6.11 17.30 -30.25
N THR D 115 5.71 16.22 -29.59
CA THR D 115 4.33 16.08 -29.10
C THR D 115 4.02 17.10 -28.03
N ALA D 116 4.92 17.31 -27.06
CA ALA D 116 4.70 18.30 -26.00
C ALA D 116 4.52 19.71 -26.60
N ARG D 117 5.31 20.02 -27.67
CA ARG D 117 5.19 21.30 -28.38
C ARG D 117 3.83 21.46 -29.08
N ARG D 118 3.34 20.40 -29.76
CA ARG D 118 2.02 20.43 -30.41
C ARG D 118 0.94 20.63 -29.33
N TRP D 119 1.03 19.86 -28.22
CA TRP D 119 0.03 19.96 -27.17
C TRP D 119 -0.01 21.28 -26.43
N SER D 120 1.16 21.97 -26.33
CA SER D 120 1.20 23.27 -25.66
C SER D 120 0.36 24.35 -26.38
N ALA D 121 -0.03 24.10 -27.64
CA ALA D 121 -0.88 25.02 -28.39
C ALA D 121 -2.36 24.60 -28.35
N GLU D 122 -2.73 23.53 -27.63
CA GLU D 122 -4.11 23.07 -27.57
C GLU D 122 -4.91 23.91 -26.58
N GLN D 123 -6.21 24.03 -26.79
CA GLN D 123 -7.09 24.73 -25.87
C GLN D 123 -7.66 23.76 -24.80
N HIS D 124 -7.69 22.45 -25.08
CA HIS D 124 -8.30 21.51 -24.14
C HIS D 124 -7.69 20.13 -24.22
N LEU D 125 -6.92 19.75 -23.18
CA LEU D 125 -6.38 18.42 -23.09
C LEU D 125 -7.16 17.68 -22.01
N VAL D 126 -7.50 16.42 -22.26
CA VAL D 126 -8.18 15.61 -21.25
C VAL D 126 -7.36 14.34 -21.08
N PHE D 127 -7.01 13.97 -19.86
CA PHE D 127 -6.22 12.75 -19.63
C PHE D 127 -7.12 11.74 -19.00
N ALA D 128 -7.39 10.63 -19.71
CA ALA D 128 -8.23 9.56 -19.21
C ALA D 128 -7.30 8.54 -18.61
N CYS D 129 -7.18 8.55 -17.28
CA CYS D 129 -6.23 7.70 -16.59
C CYS D 129 -6.82 6.38 -16.24
N GLY D 130 -6.26 5.36 -16.84
CA GLY D 130 -6.72 4.01 -16.59
C GLY D 130 -5.92 3.29 -15.54
N ARG D 131 -6.42 2.15 -15.17
CA ARG D 131 -5.80 1.26 -14.23
C ARG D 131 -6.18 -0.18 -14.57
N TYR D 132 -5.61 -1.14 -13.83
CA TYR D 132 -5.84 -2.57 -14.01
C TYR D 132 -5.28 -2.95 -15.41
N GLU D 133 -6.03 -3.69 -16.24
CA GLU D 133 -5.59 -4.02 -17.60
C GLU D 133 -5.77 -2.83 -18.59
N GLY D 134 -6.34 -1.73 -18.12
CA GLY D 134 -6.63 -0.59 -18.97
C GLY D 134 -8.12 -0.35 -19.08
N ILE D 135 -8.50 0.55 -19.95
CA ILE D 135 -9.89 0.93 -20.16
C ILE D 135 -10.40 0.09 -21.32
N ASP D 136 -11.66 -0.33 -21.30
CA ASP D 136 -12.31 -1.04 -22.46
C ASP D 136 -11.98 -0.27 -23.78
N GLN D 137 -11.45 -0.96 -24.80
CA GLN D 137 -10.98 -0.29 -26.02
C GLN D 137 -12.08 0.53 -26.73
N ARG D 138 -13.36 0.23 -26.48
CA ARG D 138 -14.43 0.98 -27.10
C ARG D 138 -14.51 2.43 -26.63
N VAL D 139 -13.93 2.77 -25.47
CA VAL D 139 -13.91 4.16 -25.01
C VAL D 139 -13.13 5.04 -26.03
N ALA D 140 -11.89 4.67 -26.37
CA ALA D 140 -11.09 5.43 -27.33
C ALA D 140 -11.80 5.46 -28.71
N GLU D 141 -12.38 4.35 -29.14
CA GLU D 141 -13.06 4.21 -30.42
C GLU D 141 -14.32 5.13 -30.54
N ASP D 142 -15.19 5.11 -29.54
CA ASP D 142 -16.37 5.98 -29.49
C ASP D 142 -15.92 7.46 -29.40
N SER D 143 -14.97 7.78 -28.50
CA SER D 143 -14.51 9.14 -28.32
C SER D 143 -13.96 9.72 -29.57
N ALA D 144 -13.25 8.91 -30.37
CA ALA D 144 -12.67 9.38 -31.64
C ALA D 144 -13.71 9.78 -32.70
N ARG D 145 -14.99 9.41 -32.48
CA ARG D 145 -16.07 9.87 -33.36
C ARG D 145 -16.30 11.37 -33.15
N ARG D 146 -16.01 11.90 -31.94
CA ARG D 146 -16.39 13.24 -31.59
C ARG D 146 -15.26 14.17 -31.20
N MET D 147 -14.05 13.64 -31.00
CA MET D 147 -12.91 14.49 -30.70
C MET D 147 -11.64 13.72 -31.15
N ARG D 148 -10.47 14.35 -31.09
CA ARG D 148 -9.22 13.66 -31.39
C ARG D 148 -8.87 12.82 -30.18
N VAL D 149 -8.32 11.65 -30.44
CA VAL D 149 -7.89 10.76 -29.38
C VAL D 149 -6.44 10.38 -29.67
N GLU D 150 -5.56 10.50 -28.68
CA GLU D 150 -4.18 10.04 -28.83
C GLU D 150 -3.85 9.10 -27.67
N GLU D 151 -3.59 7.81 -27.97
CA GLU D 151 -3.16 6.82 -26.98
C GLU D 151 -1.63 6.95 -26.98
N VAL D 152 -1.08 7.27 -25.82
CA VAL D 152 0.30 7.65 -25.70
C VAL D 152 1.06 6.93 -24.62
N SER D 153 2.25 6.42 -24.97
CA SER D 153 3.13 5.78 -24.00
C SER D 153 4.27 6.77 -23.68
N ILE D 154 4.54 7.07 -22.37
CA ILE D 154 5.71 7.92 -22.07
C ILE D 154 7.05 7.18 -22.26
N GLY D 155 7.00 5.85 -22.40
CA GLY D 155 8.24 5.07 -22.59
C GLY D 155 8.02 3.59 -22.55
N ASP D 156 9.02 2.82 -22.97
CA ASP D 156 8.90 1.35 -23.05
C ASP D 156 9.16 0.63 -21.74
N TYR D 157 8.28 0.87 -20.80
CA TYR D 157 8.26 0.35 -19.42
C TYR D 157 6.81 0.36 -18.95
N VAL D 158 6.49 -0.44 -17.93
CA VAL D 158 5.11 -0.61 -17.50
C VAL D 158 4.83 0.04 -16.16
N LEU D 159 3.75 0.83 -16.11
CA LEU D 159 3.35 1.51 -14.91
C LEU D 159 2.07 0.86 -14.37
N PRO D 160 1.79 1.01 -13.07
CA PRO D 160 0.55 0.46 -12.53
C PRO D 160 -0.73 1.15 -13.03
N GLY D 161 -0.64 2.39 -13.45
CA GLY D 161 -1.77 3.13 -13.97
C GLY D 161 -1.31 4.33 -14.79
N GLY D 162 -2.25 5.06 -15.38
CA GLY D 162 -1.85 6.21 -16.22
C GLY D 162 -1.53 7.51 -15.48
N GLU D 163 -1.79 7.61 -14.14
CA GLU D 163 -1.63 8.87 -13.37
C GLU D 163 -0.22 9.45 -13.45
N SER D 164 0.79 8.62 -13.16
CA SER D 164 2.17 9.15 -13.19
C SER D 164 2.58 9.57 -14.59
N ALA D 165 2.05 8.87 -15.62
CA ALA D 165 2.35 9.19 -17.01
C ALA D 165 1.69 10.54 -17.37
N ALA D 166 0.43 10.76 -16.91
CA ALA D 166 -0.27 12.04 -17.13
C ALA D 166 0.52 13.20 -16.48
N VAL D 167 1.02 13.00 -15.24
CA VAL D 167 1.82 14.01 -14.56
C VAL D 167 3.04 14.42 -15.41
N VAL D 168 3.73 13.44 -15.97
CA VAL D 168 4.90 13.68 -16.82
C VAL D 168 4.55 14.48 -18.05
N MET D 169 3.47 14.07 -18.76
CA MET D 169 3.08 14.78 -19.96
C MET D 169 2.65 16.18 -19.66
N ILE D 170 1.90 16.36 -18.58
CA ILE D 170 1.43 17.69 -18.21
C ILE D 170 2.63 18.57 -17.82
N GLU D 171 3.62 18.02 -17.11
CA GLU D 171 4.83 18.76 -16.76
C GLU D 171 5.63 19.20 -17.97
N ALA D 172 5.81 18.31 -18.96
CA ALA D 172 6.52 18.63 -20.19
C ALA D 172 5.77 19.79 -20.94
N VAL D 173 4.43 19.72 -20.99
CA VAL D 173 3.63 20.78 -21.61
C VAL D 173 3.76 22.10 -20.82
N LEU D 174 3.51 22.08 -19.49
CA LEU D 174 3.56 23.28 -18.66
C LEU D 174 4.92 23.96 -18.75
N ARG D 175 6.00 23.18 -18.85
CA ARG D 175 7.35 23.73 -19.02
C ARG D 175 7.46 24.60 -20.27
N LEU D 176 6.79 24.22 -21.37
CA LEU D 176 6.80 25.03 -22.61
C LEU D 176 6.00 26.33 -22.47
N LEU D 177 5.01 26.35 -21.57
CA LEU D 177 4.28 27.59 -21.26
C LEU D 177 4.98 28.30 -20.04
N THR D 178 6.17 27.82 -19.60
CA THR D 178 7.05 28.23 -18.50
C THR D 178 6.41 27.95 -17.15
N LEU D 199 19.87 15.76 -30.21
CA LEU D 199 21.04 16.10 -29.42
C LEU D 199 20.76 16.19 -27.91
N LEU D 200 21.45 15.37 -27.12
CA LEU D 200 21.30 15.37 -25.67
C LEU D 200 21.96 16.63 -25.10
N GLU D 201 21.39 17.17 -24.03
CA GLU D 201 21.96 18.34 -23.38
C GLU D 201 23.38 18.04 -22.84
N GLY D 202 24.27 19.02 -22.87
CA GLY D 202 25.61 18.85 -22.34
C GLY D 202 25.67 19.04 -20.83
N PRO D 203 26.82 18.81 -20.23
CA PRO D 203 26.94 18.96 -18.78
C PRO D 203 26.86 20.43 -18.30
N SER D 204 26.45 20.64 -17.04
CA SER D 204 26.35 21.97 -16.43
C SER D 204 27.25 22.01 -15.22
N TYR D 205 27.85 23.16 -14.95
CA TYR D 205 28.77 23.31 -13.84
C TYR D 205 28.55 24.64 -13.13
N THR D 206 28.81 24.68 -11.85
CA THR D 206 28.78 25.91 -11.08
C THR D 206 29.95 25.90 -10.05
N ARG D 207 30.09 26.96 -9.22
CA ARG D 207 31.18 27.04 -8.24
C ARG D 207 31.18 25.84 -7.26
N PRO D 208 32.34 25.36 -6.76
CA PRO D 208 33.71 25.89 -6.98
C PRO D 208 34.36 25.38 -8.26
N PRO D 209 35.40 26.09 -8.78
CA PRO D 209 36.05 25.63 -10.03
C PRO D 209 36.70 24.26 -9.92
N SER D 210 37.08 23.86 -8.72
N SER D 210 37.08 23.87 -8.73
CA SER D 210 37.67 22.56 -8.44
CA SER D 210 37.66 22.56 -8.46
C SER D 210 36.90 21.98 -7.25
C SER D 210 36.86 22.00 -7.28
N TRP D 211 36.42 20.73 -7.36
CA TRP D 211 35.65 20.13 -6.28
C TRP D 211 35.98 18.67 -6.17
N ARG D 212 36.50 18.24 -5.02
CA ARG D 212 36.85 16.82 -4.78
C ARG D 212 37.80 16.27 -5.88
N GLY D 213 38.66 17.14 -6.43
CA GLY D 213 39.61 16.77 -7.47
C GLY D 213 39.08 16.78 -8.88
N LEU D 214 37.87 17.32 -9.07
CA LEU D 214 37.23 17.39 -10.38
C LEU D 214 37.09 18.84 -10.73
N ASP D 215 37.69 19.20 -11.85
CA ASP D 215 37.75 20.57 -12.31
C ASP D 215 36.66 20.87 -13.31
N VAL D 216 36.12 22.10 -13.27
CA VAL D 216 35.22 22.57 -14.31
C VAL D 216 36.08 22.76 -15.58
N PRO D 217 35.65 22.26 -16.75
CA PRO D 217 36.42 22.48 -18.01
C PRO D 217 36.78 23.96 -18.18
N GLU D 218 38.09 24.27 -18.32
CA GLU D 218 38.60 25.65 -18.37
C GLU D 218 37.91 26.55 -19.39
N ILE D 219 37.41 25.98 -20.49
CA ILE D 219 36.68 26.75 -21.50
C ILE D 219 35.54 27.56 -20.87
N LEU D 220 34.87 26.97 -19.88
CA LEU D 220 33.72 27.60 -19.25
C LEU D 220 34.10 28.78 -18.36
N LEU D 221 35.36 28.87 -17.88
CA LEU D 221 35.80 30.00 -17.09
C LEU D 221 36.54 31.08 -17.91
N SER D 222 36.55 30.96 -19.25
CA SER D 222 37.28 31.82 -20.18
C SER D 222 36.61 33.15 -20.60
N GLY D 223 35.28 33.23 -20.51
CA GLY D 223 34.56 34.42 -20.96
C GLY D 223 34.41 34.49 -22.47
N ASP D 224 34.85 33.44 -23.20
CA ASP D 224 34.83 33.37 -24.66
C ASP D 224 33.56 32.70 -25.15
N HIS D 225 32.53 33.52 -25.40
CA HIS D 225 31.22 33.01 -25.78
C HIS D 225 31.22 32.13 -27.03
N ALA D 226 32.01 32.48 -28.06
CA ALA D 226 32.05 31.71 -29.32
C ALA D 226 32.71 30.33 -29.14
N ARG D 227 33.87 30.28 -28.46
CA ARG D 227 34.54 29.02 -28.17
C ARG D 227 33.68 28.19 -27.19
N ILE D 228 32.95 28.83 -26.26
CA ILE D 228 32.06 28.09 -25.32
C ILE D 228 30.93 27.40 -26.09
N ALA D 229 30.27 28.12 -27.04
CA ALA D 229 29.17 27.60 -27.84
C ALA D 229 29.62 26.40 -28.67
N THR D 230 30.84 26.47 -29.22
CA THR D 230 31.46 25.39 -30.00
C THR D 230 31.77 24.17 -29.12
N TRP D 231 32.30 24.41 -27.91
CA TRP D 231 32.58 23.31 -27.00
C TRP D 231 31.29 22.59 -26.57
N ARG D 232 30.24 23.34 -26.21
CA ARG D 232 28.96 22.76 -25.79
C ARG D 232 28.33 21.85 -26.86
N ARG D 233 28.39 22.25 -28.15
CA ARG D 233 27.85 21.44 -29.23
C ARG D 233 28.68 20.18 -29.45
N GLU D 234 30.02 20.29 -29.30
CA GLU D 234 30.91 19.15 -29.45
C GLU D 234 30.66 18.12 -28.35
N VAL D 235 30.50 18.58 -27.08
CA VAL D 235 30.26 17.65 -25.99
C VAL D 235 28.84 17.04 -26.11
N SER D 236 27.86 17.82 -26.62
CA SER D 236 26.51 17.28 -26.84
C SER D 236 26.56 16.14 -27.86
N LEU D 237 27.28 16.32 -28.98
CA LEU D 237 27.40 15.30 -30.02
C LEU D 237 28.11 14.07 -29.49
N ARG D 238 29.22 14.25 -28.74
CA ARG D 238 29.96 13.12 -28.20
C ARG D 238 29.12 12.32 -27.19
N ARG D 239 28.40 13.03 -26.28
CA ARG D 239 27.55 12.38 -25.27
C ARG D 239 26.42 11.63 -25.93
N THR D 240 25.80 12.24 -26.96
CA THR D 240 24.70 11.63 -27.71
C THR D 240 25.18 10.38 -28.45
N ARG D 241 26.36 10.44 -29.06
CA ARG D 241 26.90 9.29 -29.79
C ARG D 241 27.18 8.12 -28.84
N GLU D 242 27.74 8.42 -27.66
CA GLU D 242 28.11 7.44 -26.64
C GLU D 242 26.94 6.79 -25.91
N ARG D 243 25.94 7.60 -25.50
CA ARG D 243 24.79 7.10 -24.75
C ARG D 243 23.60 6.69 -25.60
N ARG D 244 23.49 7.24 -26.81
CA ARG D 244 22.32 6.97 -27.67
C ARG D 244 22.69 6.69 -29.13
#